data_8BAY
#
_entry.id   8BAY
#
_cell.length_a   99.540
_cell.length_b   275.780
_cell.length_c   116.610
_cell.angle_alpha   90.000
_cell.angle_beta   90.000
_cell.angle_gamma   90.000
#
_symmetry.space_group_name_H-M   'C 2 2 21'
#
loop_
_entity.id
_entity.type
_entity.pdbx_description
1 polymer 'Isocitrate dehydrogenase [NADP] cytoplasmic'
2 non-polymer GLYCEROL
3 non-polymer 'NADPH DIHYDRO-NICOTINAMIDE-ADENINE-DINUCLEOTIDE PHOSPHATE'
4 non-polymer '(R)-3-butyl-2-oxopentanedioic acid'
5 non-polymer '(S)-3-butyl-2-oxopentanedioic acid'
6 non-polymer 'CALCIUM ION'
7 water water
#
_entity_poly.entity_id   1
_entity_poly.type   'polypeptide(L)'
_entity_poly.pdbx_seq_one_letter_code
;MSKKISGGSVVEMQGDEMTRIIWELIKEKLIFPYVELDLHSYDLGIENRDATNDQVTKDAAEAIKKHNVGVKCATITPDE
KRVEEFKLKQMWKSPNGTIRNILGGTVFREAIICKNIPRLVSGWVKPIIIGCHAYGDQYRATDFVVPGPGKVEITYTPSD
GTQKVTYLVHNFEEGGGVAMGMYNQDKSIEDFAHSSFQMALSKGWPLYLSTKNTILKKYDGRFKDIFQEIYDKQYKSQFE
AQKIWYEHRLIDDMVAQAMKSEGGFIWACKNYDGDVQSDFVAQGYGSLGMMTSVLVCPDGKTVEAEAAHGTVTRHYRMYQ
KGQETSTNPIASIFAWTRGLAHRAKLDNNKELAFFANALEEVSIETIEAGFMTKDLAACIKGLPNVQRSDYLNTFEFMDK
LGENLKIKLAQAKLLEHHHHHH
;
_entity_poly.pdbx_strand_id   A,B,C
#
# COMPACT_ATOMS: atom_id res chain seq x y z
N LYS A 3 27.02 -35.95 -7.28
CA LYS A 3 26.35 -35.21 -6.22
C LYS A 3 25.13 -34.46 -6.77
N LYS A 4 24.67 -33.46 -6.04
CA LYS A 4 23.52 -32.66 -6.42
C LYS A 4 23.97 -31.33 -7.01
N ILE A 5 23.01 -30.62 -7.60
CA ILE A 5 23.29 -29.33 -8.21
C ILE A 5 23.46 -28.28 -7.12
N SER A 6 24.52 -27.49 -7.22
CA SER A 6 24.77 -26.39 -6.28
C SER A 6 23.81 -25.25 -6.61
N GLY A 7 22.71 -25.18 -5.88
CA GLY A 7 21.66 -24.21 -6.16
C GLY A 7 22.06 -22.77 -5.90
N GLY A 8 22.41 -22.45 -4.66
CA GLY A 8 22.75 -21.11 -4.26
C GLY A 8 21.83 -20.60 -3.16
N SER A 9 21.89 -19.29 -2.94
CA SER A 9 21.09 -18.65 -1.91
C SER A 9 19.71 -18.31 -2.46
N VAL A 10 18.67 -18.79 -1.79
CA VAL A 10 17.28 -18.56 -2.19
C VAL A 10 16.46 -18.27 -0.94
N VAL A 11 15.68 -17.20 -0.97
CA VAL A 11 14.80 -16.84 0.13
C VAL A 11 13.47 -17.55 -0.06
N GLU A 12 13.07 -18.33 0.93
CA GLU A 12 11.81 -19.07 0.91
C GLU A 12 10.80 -18.41 1.84
N MET A 13 9.55 -18.34 1.38
CA MET A 13 8.45 -17.78 2.16
C MET A 13 7.34 -18.82 2.25
N GLN A 14 7.22 -19.47 3.40
CA GLN A 14 6.23 -20.51 3.60
C GLN A 14 4.84 -19.90 3.78
N GLY A 15 3.81 -20.66 3.38
CA GLY A 15 2.46 -20.15 3.34
C GLY A 15 1.47 -20.83 4.26
N ASP A 16 0.23 -20.95 3.81
CA ASP A 16 -0.88 -21.37 4.66
C ASP A 16 -1.70 -22.49 4.02
N GLU A 17 -2.25 -23.33 4.87
CA GLU A 17 -3.31 -24.30 4.54
C GLU A 17 -2.80 -25.25 3.45
N MET A 18 -3.62 -25.55 2.43
CA MET A 18 -3.25 -26.60 1.48
C MET A 18 -2.05 -26.23 0.64
N THR A 19 -1.85 -24.93 0.36
CA THR A 19 -0.67 -24.52 -0.40
C THR A 19 0.61 -24.76 0.39
N ARG A 20 0.53 -24.73 1.73
N ARG A 20 0.53 -24.73 1.72
CA ARG A 20 1.70 -25.06 2.54
CA ARG A 20 1.70 -25.06 2.54
C ARG A 20 2.03 -26.54 2.46
C ARG A 20 2.03 -26.55 2.46
N ILE A 21 1.01 -27.40 2.40
CA ILE A 21 1.25 -28.84 2.27
C ILE A 21 1.87 -29.15 0.91
N ILE A 22 1.33 -28.54 -0.15
CA ILE A 22 1.90 -28.71 -1.49
C ILE A 22 3.32 -28.17 -1.53
N TRP A 23 3.55 -27.05 -0.82
CA TRP A 23 4.88 -26.43 -0.81
C TRP A 23 5.94 -27.39 -0.29
N GLU A 24 5.63 -28.13 0.78
CA GLU A 24 6.59 -29.09 1.31
C GLU A 24 6.73 -30.31 0.41
N LEU A 25 5.65 -30.70 -0.29
CA LEU A 25 5.73 -31.82 -1.22
C LEU A 25 6.66 -31.49 -2.39
N ILE A 26 6.61 -30.24 -2.87
CA ILE A 26 7.47 -29.83 -3.97
C ILE A 26 8.93 -29.89 -3.56
N LYS A 27 9.23 -29.40 -2.36
CA LYS A 27 10.62 -29.42 -1.89
C LYS A 27 11.10 -30.85 -1.66
N GLU A 28 10.27 -31.70 -1.06
CA GLU A 28 10.71 -33.04 -0.69
C GLU A 28 10.85 -33.94 -1.91
N LYS A 29 9.95 -33.80 -2.88
CA LYS A 29 9.93 -34.70 -4.03
C LYS A 29 10.64 -34.17 -5.26
N LEU A 30 10.46 -32.88 -5.58
CA LEU A 30 10.92 -32.36 -6.87
C LEU A 30 12.20 -31.54 -6.77
N ILE A 31 12.47 -30.90 -5.63
CA ILE A 31 13.58 -29.95 -5.53
C ILE A 31 14.76 -30.59 -4.81
N PHE A 32 14.58 -30.89 -3.53
CA PHE A 32 15.71 -31.35 -2.70
C PHE A 32 16.41 -32.60 -3.23
N PRO A 33 15.74 -33.60 -3.82
CA PRO A 33 16.48 -34.76 -4.33
C PRO A 33 17.53 -34.42 -5.39
N TYR A 34 17.46 -33.25 -6.01
CA TYR A 34 18.37 -32.91 -7.10
C TYR A 34 19.13 -31.61 -6.91
N VAL A 35 18.72 -30.74 -5.98
CA VAL A 35 19.33 -29.42 -5.82
C VAL A 35 19.67 -29.22 -4.36
N GLU A 36 20.89 -28.77 -4.10
CA GLU A 36 21.33 -28.35 -2.76
C GLU A 36 21.25 -26.83 -2.69
N LEU A 37 20.43 -26.32 -1.77
CA LEU A 37 20.14 -24.90 -1.67
C LEU A 37 20.58 -24.34 -0.32
N ASP A 38 21.11 -23.11 -0.35
CA ASP A 38 21.29 -22.33 0.87
C ASP A 38 19.99 -21.58 1.10
N LEU A 39 19.07 -22.22 1.80
CA LEU A 39 17.70 -21.74 1.92
C LEU A 39 17.55 -20.84 3.14
N HIS A 40 17.08 -19.62 2.93
CA HIS A 40 16.79 -18.68 4.00
C HIS A 40 15.27 -18.66 4.17
N SER A 41 14.77 -19.47 5.10
CA SER A 41 13.35 -19.73 5.24
C SER A 41 12.70 -18.71 6.15
N TYR A 42 11.57 -18.16 5.70
CA TYR A 42 10.75 -17.25 6.50
C TYR A 42 9.32 -17.77 6.49
N ASP A 43 8.78 -18.06 7.67
CA ASP A 43 7.43 -18.60 7.79
C ASP A 43 6.44 -17.43 7.75
N LEU A 44 5.84 -17.20 6.58
CA LEU A 44 4.79 -16.20 6.43
C LEU A 44 3.40 -16.79 6.68
N GLY A 45 3.33 -17.93 7.35
CA GLY A 45 2.03 -18.45 7.77
C GLY A 45 1.32 -17.48 8.68
N ILE A 46 -0.01 -17.57 8.69
CA ILE A 46 -0.83 -16.58 9.39
C ILE A 46 -0.51 -16.58 10.89
N GLU A 47 -0.09 -17.71 11.44
CA GLU A 47 0.15 -17.79 12.87
C GLU A 47 1.53 -17.24 13.25
N ASN A 48 2.53 -17.41 12.38
CA ASN A 48 3.83 -16.81 12.67
C ASN A 48 3.82 -15.31 12.39
N ARG A 49 3.07 -14.86 11.39
CA ARG A 49 2.86 -13.43 11.20
C ARG A 49 2.18 -12.83 12.42
N ASP A 50 1.21 -13.54 13.00
CA ASP A 50 0.53 -13.06 14.19
C ASP A 50 1.47 -13.06 15.39
N ALA A 51 2.35 -14.06 15.49
CA ALA A 51 3.27 -14.14 16.62
C ALA A 51 4.37 -13.10 16.56
N THR A 52 4.67 -12.57 15.38
CA THR A 52 5.71 -11.57 15.22
C THR A 52 5.14 -10.19 14.89
N ASN A 53 3.84 -9.98 15.09
CA ASN A 53 3.18 -8.72 14.75
C ASN A 53 3.48 -8.33 13.29
N ASP A 54 3.40 -9.32 12.40
CA ASP A 54 3.60 -9.16 10.96
C ASP A 54 5.01 -8.72 10.60
N GLN A 55 5.97 -8.83 11.53
CA GLN A 55 7.33 -8.38 11.25
C GLN A 55 8.09 -9.36 10.37
N VAL A 56 7.75 -10.65 10.44
CA VAL A 56 8.42 -11.64 9.59
C VAL A 56 8.16 -11.35 8.11
N THR A 57 7.03 -10.71 7.80
CA THR A 57 6.74 -10.33 6.42
C THR A 57 7.73 -9.28 5.93
N LYS A 58 7.99 -8.27 6.75
CA LYS A 58 8.97 -7.24 6.37
C LYS A 58 10.37 -7.80 6.31
N ASP A 59 10.71 -8.72 7.23
CA ASP A 59 12.05 -9.29 7.25
C ASP A 59 12.31 -10.14 6.01
N ALA A 60 11.29 -10.85 5.53
CA ALA A 60 11.46 -11.66 4.34
C ALA A 60 11.72 -10.79 3.11
N ALA A 61 11.07 -9.62 3.05
CA ALA A 61 11.29 -8.71 1.94
C ALA A 61 12.72 -8.19 1.90
N GLU A 62 13.25 -7.81 3.06
CA GLU A 62 14.64 -7.36 3.12
C GLU A 62 15.60 -8.46 2.74
N ALA A 63 15.28 -9.71 3.08
CA ALA A 63 16.13 -10.83 2.70
C ALA A 63 16.16 -11.03 1.20
N ILE A 64 15.04 -10.76 0.52
CA ILE A 64 15.03 -10.84 -0.94
C ILE A 64 15.94 -9.76 -1.54
N LYS A 65 15.96 -8.57 -0.94
CA LYS A 65 16.85 -7.52 -1.38
C LYS A 65 18.31 -7.93 -1.21
N LYS A 66 18.61 -8.72 -0.18
CA LYS A 66 19.99 -9.11 0.09
C LYS A 66 20.43 -10.26 -0.81
N HIS A 67 19.54 -11.20 -1.14
CA HIS A 67 19.91 -12.40 -1.86
C HIS A 67 19.38 -12.47 -3.28
N ASN A 68 18.56 -11.52 -3.69
CA ASN A 68 18.08 -11.26 -5.06
C ASN A 68 17.05 -12.29 -5.55
N VAL A 69 16.77 -13.36 -4.81
CA VAL A 69 15.85 -14.39 -5.27
C VAL A 69 14.91 -14.76 -4.13
N GLY A 70 13.60 -14.72 -4.40
CA GLY A 70 12.62 -15.14 -3.43
C GLY A 70 11.51 -15.98 -4.05
N VAL A 71 11.08 -17.02 -3.34
CA VAL A 71 9.98 -17.87 -3.76
C VAL A 71 8.94 -17.90 -2.65
N LYS A 72 7.68 -17.60 -2.98
CA LYS A 72 6.65 -17.37 -1.99
C LYS A 72 5.49 -18.35 -2.18
N CYS A 73 5.09 -18.99 -1.09
CA CYS A 73 3.88 -19.79 -1.06
C CYS A 73 2.67 -18.90 -0.83
N ALA A 74 1.51 -19.39 -1.26
CA ALA A 74 0.28 -18.63 -1.09
C ALA A 74 -0.03 -18.43 0.38
N THR A 75 -0.50 -17.23 0.72
CA THR A 75 -0.75 -16.85 2.11
C THR A 75 -2.18 -16.38 2.27
N ILE A 76 -2.64 -16.39 3.51
CA ILE A 76 -3.98 -15.92 3.88
C ILE A 76 -3.92 -14.44 4.15
N THR A 77 -4.77 -13.67 3.46
CA THR A 77 -5.02 -12.28 3.84
C THR A 77 -6.25 -12.29 4.74
N PRO A 78 -6.10 -12.12 6.04
CA PRO A 78 -7.23 -12.37 6.95
C PRO A 78 -8.32 -11.32 6.82
N ASP A 79 -9.57 -11.77 6.96
CA ASP A 79 -10.72 -10.91 7.07
C ASP A 79 -11.33 -11.08 8.47
N GLU A 80 -12.60 -10.71 8.62
CA GLU A 80 -13.25 -10.78 9.93
C GLU A 80 -13.37 -12.23 10.39
N LYS A 81 -13.73 -13.15 9.48
CA LYS A 81 -13.87 -14.55 9.86
C LYS A 81 -12.52 -15.17 10.20
N ARG A 82 -11.46 -14.77 9.51
CA ARG A 82 -10.14 -15.31 9.80
C ARG A 82 -9.64 -14.87 11.16
N VAL A 83 -9.95 -13.63 11.56
CA VAL A 83 -9.56 -13.16 12.89
C VAL A 83 -10.22 -14.00 13.97
N GLU A 84 -11.48 -14.39 13.77
CA GLU A 84 -12.15 -15.30 14.70
C GLU A 84 -11.49 -16.67 14.69
N GLU A 85 -11.18 -17.19 13.50
CA GLU A 85 -10.69 -18.56 13.38
C GLU A 85 -9.36 -18.75 14.11
N PHE A 86 -8.42 -17.82 13.91
CA PHE A 86 -7.08 -17.94 14.45
C PHE A 86 -6.85 -17.11 15.71
N LYS A 87 -7.86 -16.40 16.18
CA LYS A 87 -7.74 -15.53 17.36
C LYS A 87 -6.60 -14.53 17.17
N LEU A 88 -6.56 -13.91 16.00
CA LEU A 88 -5.49 -12.99 15.67
C LEU A 88 -5.58 -11.72 16.51
N LYS A 89 -4.40 -11.15 16.80
CA LYS A 89 -4.36 -9.88 17.52
C LYS A 89 -4.92 -8.76 16.66
N GLN A 90 -4.59 -8.75 15.38
CA GLN A 90 -5.02 -7.72 14.44
C GLN A 90 -5.38 -8.38 13.12
N MET A 91 -6.05 -7.61 12.26
CA MET A 91 -6.33 -8.04 10.89
C MET A 91 -5.17 -7.59 10.02
N TRP A 92 -4.12 -8.41 10.02
CA TRP A 92 -2.86 -8.04 9.38
C TRP A 92 -3.07 -7.76 7.89
N LYS A 93 -2.35 -6.77 7.38
CA LYS A 93 -2.46 -6.40 5.98
C LYS A 93 -1.91 -7.51 5.09
N SER A 94 -2.21 -7.40 3.80
CA SER A 94 -1.79 -8.40 2.83
C SER A 94 -0.27 -8.53 2.83
N PRO A 95 0.28 -9.74 2.98
CA PRO A 95 1.73 -9.89 2.88
C PRO A 95 2.26 -9.53 1.51
N ASN A 96 1.50 -9.81 0.45
CA ASN A 96 1.92 -9.46 -0.90
C ASN A 96 1.99 -7.95 -1.08
N GLY A 97 1.06 -7.22 -0.49
CA GLY A 97 1.12 -5.77 -0.55
C GLY A 97 2.33 -5.21 0.17
N THR A 98 2.65 -5.78 1.34
CA THR A 98 3.82 -5.33 2.08
C THR A 98 5.11 -5.64 1.33
N ILE A 99 5.19 -6.82 0.72
CA ILE A 99 6.40 -7.20 0.01
C ILE A 99 6.57 -6.37 -1.25
N ARG A 100 5.49 -6.23 -2.04
CA ARG A 100 5.58 -5.44 -3.27
C ARG A 100 5.88 -3.98 -2.98
N ASN A 101 5.33 -3.46 -1.88
CA ASN A 101 5.61 -2.07 -1.51
C ASN A 101 7.07 -1.87 -1.13
N ILE A 102 7.71 -2.91 -0.58
CA ILE A 102 9.11 -2.79 -0.19
C ILE A 102 10.03 -3.00 -1.39
N LEU A 103 9.76 -4.01 -2.19
CA LEU A 103 10.63 -4.33 -3.33
C LEU A 103 10.39 -3.40 -4.51
N GLY A 104 9.13 -3.06 -4.78
CA GLY A 104 8.83 -2.31 -5.98
C GLY A 104 8.99 -3.16 -7.22
N GLY A 105 8.81 -2.51 -8.36
CA GLY A 105 8.99 -3.17 -9.65
C GLY A 105 7.70 -3.52 -10.35
N THR A 106 7.75 -4.55 -11.19
CA THR A 106 6.63 -4.97 -12.01
C THR A 106 6.38 -6.45 -11.84
N VAL A 107 5.12 -6.83 -11.66
CA VAL A 107 4.72 -8.22 -11.53
C VAL A 107 4.24 -8.70 -12.90
N PHE A 108 5.04 -9.56 -13.52
CA PHE A 108 4.70 -10.11 -14.84
C PHE A 108 3.95 -11.42 -14.66
N ARG A 109 2.76 -11.50 -15.25
CA ARG A 109 1.90 -12.67 -15.13
C ARG A 109 1.56 -13.20 -16.51
N GLU A 110 1.48 -14.52 -16.63
CA GLU A 110 1.28 -15.19 -17.90
C GLU A 110 0.67 -16.56 -17.64
N ALA A 111 -0.21 -17.00 -18.52
CA ALA A 111 -0.87 -18.29 -18.34
C ALA A 111 0.11 -19.43 -18.55
N ILE A 112 -0.17 -20.55 -17.88
CA ILE A 112 0.58 -21.78 -18.05
C ILE A 112 -0.22 -22.67 -19.00
N ILE A 113 0.24 -22.77 -20.24
CA ILE A 113 -0.56 -23.34 -21.33
C ILE A 113 -0.31 -24.84 -21.43
N CYS A 114 -1.39 -25.61 -21.48
CA CYS A 114 -1.37 -27.02 -21.82
C CYS A 114 -2.25 -27.23 -23.04
N LYS A 115 -1.76 -28.04 -23.99
CA LYS A 115 -2.45 -28.20 -25.26
C LYS A 115 -3.85 -28.77 -25.12
N ASN A 116 -4.12 -29.50 -24.04
CA ASN A 116 -5.40 -30.19 -23.87
C ASN A 116 -6.34 -29.48 -22.92
N ILE A 117 -5.98 -28.30 -22.42
CA ILE A 117 -6.85 -27.52 -21.54
C ILE A 117 -7.61 -26.52 -22.40
N PRO A 118 -8.95 -26.60 -22.47
CA PRO A 118 -9.69 -25.72 -23.37
C PRO A 118 -9.66 -24.27 -22.89
N ARG A 119 -9.43 -23.36 -23.83
CA ARG A 119 -9.55 -21.94 -23.53
C ARG A 119 -11.01 -21.51 -23.51
N LEU A 120 -11.30 -20.48 -22.72
CA LEU A 120 -12.62 -19.87 -22.76
C LEU A 120 -12.71 -18.80 -23.84
N VAL A 121 -11.60 -18.12 -24.14
CA VAL A 121 -11.51 -17.21 -25.27
C VAL A 121 -10.80 -17.99 -26.38
N SER A 122 -11.58 -18.44 -27.37
CA SER A 122 -11.03 -19.34 -28.39
C SER A 122 -9.98 -18.66 -29.25
N GLY A 123 -10.04 -17.33 -29.36
CA GLY A 123 -9.11 -16.64 -30.25
C GLY A 123 -7.70 -16.50 -29.72
N TRP A 124 -7.51 -16.70 -28.41
CA TRP A 124 -6.22 -16.46 -27.77
C TRP A 124 -5.24 -17.59 -28.11
N VAL A 125 -4.83 -17.62 -29.38
CA VAL A 125 -3.87 -18.63 -29.83
C VAL A 125 -2.45 -18.29 -29.45
N LYS A 126 -2.18 -17.07 -29.00
CA LYS A 126 -0.87 -16.64 -28.52
C LYS A 126 -0.99 -16.10 -27.09
N PRO A 127 0.05 -16.25 -26.28
CA PRO A 127 -0.06 -15.86 -24.88
C PRO A 127 -0.13 -14.35 -24.69
N ILE A 128 -0.78 -13.94 -23.61
CA ILE A 128 -0.88 -12.53 -23.22
C ILE A 128 -0.15 -12.37 -21.89
N ILE A 129 0.85 -11.50 -21.87
CA ILE A 129 1.64 -11.24 -20.67
C ILE A 129 1.24 -9.88 -20.11
N ILE A 130 0.87 -9.87 -18.83
CA ILE A 130 0.48 -8.65 -18.13
C ILE A 130 1.60 -8.24 -17.20
N GLY A 131 2.02 -6.98 -17.34
CA GLY A 131 2.98 -6.41 -16.41
C GLY A 131 2.29 -5.53 -15.38
N CYS A 132 2.12 -6.03 -14.17
N CYS A 132 2.13 -6.04 -14.16
CA CYS A 132 1.40 -5.32 -13.12
CA CYS A 132 1.43 -5.33 -13.10
C CYS A 132 2.37 -4.42 -12.37
C CYS A 132 2.40 -4.41 -12.37
N HIS A 133 2.14 -3.11 -12.43
CA HIS A 133 2.91 -2.16 -11.64
C HIS A 133 2.63 -2.42 -10.17
N ALA A 134 3.64 -2.84 -9.42
CA ALA A 134 3.46 -3.37 -8.07
C ALA A 134 3.55 -2.32 -6.98
N TYR A 135 3.22 -1.06 -7.27
CA TYR A 135 3.45 0.01 -6.30
C TYR A 135 2.34 1.04 -6.37
N GLY A 136 1.84 1.44 -5.19
CA GLY A 136 0.98 2.60 -5.08
C GLY A 136 -0.48 2.33 -5.44
N ASP A 137 -1.18 3.43 -5.71
CA ASP A 137 -2.59 3.43 -6.14
C ASP A 137 -3.43 2.84 -5.01
N GLN A 138 -4.46 2.05 -5.33
CA GLN A 138 -5.37 1.53 -4.30
C GLN A 138 -4.68 0.65 -3.28
N TYR A 139 -3.53 0.07 -3.62
CA TYR A 139 -2.91 -0.96 -2.80
C TYR A 139 -1.79 -0.40 -1.92
N ARG A 140 -1.82 0.90 -1.65
CA ARG A 140 -0.95 1.54 -0.66
C ARG A 140 -1.55 2.89 -0.30
N ALA A 141 -2.86 2.91 -0.10
CA ALA A 141 -3.63 4.14 0.05
C ALA A 141 -4.13 4.29 1.48
N THR A 142 -4.71 5.46 1.74
CA THR A 142 -5.24 5.81 3.07
C THR A 142 -6.74 6.07 2.92
N ASP A 143 -7.55 5.10 3.36
CA ASP A 143 -8.99 5.20 3.27
C ASP A 143 -9.60 5.19 4.67
N PHE A 144 -10.74 5.86 4.81
CA PHE A 144 -11.38 6.00 6.11
C PHE A 144 -12.87 6.27 5.91
N VAL A 145 -13.63 6.00 6.96
CA VAL A 145 -15.08 6.27 6.97
C VAL A 145 -15.30 7.73 7.35
N VAL A 146 -16.16 8.40 6.60
CA VAL A 146 -16.59 9.76 6.93
C VAL A 146 -17.84 9.64 7.80
N PRO A 147 -17.76 9.90 9.11
CA PRO A 147 -18.88 9.57 10.00
C PRO A 147 -20.06 10.52 9.89
N GLY A 148 -19.87 11.74 9.39
CA GLY A 148 -20.96 12.68 9.30
C GLY A 148 -20.63 13.87 8.41
N PRO A 149 -21.51 14.88 8.44
CA PRO A 149 -21.26 16.07 7.60
C PRO A 149 -19.93 16.73 7.96
N GLY A 150 -19.24 17.20 6.94
CA GLY A 150 -17.93 17.79 7.12
C GLY A 150 -17.23 17.96 5.79
N LYS A 151 -15.99 18.41 5.87
CA LYS A 151 -15.20 18.76 4.70
C LYS A 151 -13.97 17.86 4.64
N VAL A 152 -13.81 17.14 3.54
CA VAL A 152 -12.63 16.32 3.28
C VAL A 152 -11.76 17.05 2.27
N GLU A 153 -10.51 17.31 2.65
CA GLU A 153 -9.56 18.01 1.81
C GLU A 153 -8.27 17.23 1.72
N ILE A 154 -7.54 17.42 0.62
CA ILE A 154 -6.22 16.82 0.42
C ILE A 154 -5.25 17.94 0.11
N THR A 155 -4.11 17.94 0.82
CA THR A 155 -3.15 19.03 0.74
C THR A 155 -1.78 18.51 0.38
N TYR A 156 -0.98 19.37 -0.26
CA TYR A 156 0.41 19.10 -0.56
C TYR A 156 1.27 20.24 -0.07
N THR A 157 2.31 19.92 0.68
CA THR A 157 3.23 20.93 1.22
C THR A 157 4.64 20.61 0.76
N PRO A 158 5.25 21.44 -0.10
CA PRO A 158 6.63 21.18 -0.53
C PRO A 158 7.57 21.13 0.66
N SER A 159 8.67 20.38 0.49
CA SER A 159 9.64 20.22 1.57
C SER A 159 10.25 21.56 1.97
N ASP A 160 10.41 22.48 1.02
CA ASP A 160 10.92 23.82 1.32
C ASP A 160 9.93 24.64 2.15
N GLY A 161 8.68 24.21 2.26
CA GLY A 161 7.71 24.91 3.06
C GLY A 161 7.34 26.29 2.54
N THR A 162 7.66 26.58 1.28
CA THR A 162 7.41 27.91 0.74
C THR A 162 5.94 28.13 0.40
N GLN A 163 5.19 27.06 0.11
CA GLN A 163 3.79 27.20 -0.22
C GLN A 163 3.03 25.97 0.24
N LYS A 164 1.73 25.95 -0.05
CA LYS A 164 0.84 24.87 0.35
C LYS A 164 -0.41 24.94 -0.50
N VAL A 165 -0.81 23.80 -1.06
CA VAL A 165 -1.98 23.72 -1.94
C VAL A 165 -3.02 22.83 -1.29
N THR A 166 -4.24 23.35 -1.14
CA THR A 166 -5.34 22.62 -0.53
C THR A 166 -6.40 22.35 -1.59
N TYR A 167 -6.62 21.06 -1.89
CA TYR A 167 -7.66 20.64 -2.82
C TYR A 167 -8.87 20.18 -2.02
N LEU A 168 -10.06 20.60 -2.45
CA LEU A 168 -11.29 20.14 -1.85
C LEU A 168 -11.69 18.80 -2.47
N VAL A 169 -11.70 17.74 -1.66
CA VAL A 169 -12.16 16.45 -2.15
C VAL A 169 -13.67 16.42 -2.23
N HIS A 170 -14.35 16.72 -1.12
CA HIS A 170 -15.80 16.77 -1.08
C HIS A 170 -16.23 17.42 0.23
N ASN A 171 -17.39 18.08 0.19
CA ASN A 171 -18.04 18.63 1.37
C ASN A 171 -19.31 17.83 1.62
N PHE A 172 -19.29 16.99 2.64
CA PHE A 172 -20.47 16.22 3.04
C PHE A 172 -21.44 17.16 3.75
N GLU A 173 -22.60 17.38 3.13
CA GLU A 173 -23.61 18.27 3.71
C GLU A 173 -24.72 17.52 4.43
N GLU A 174 -25.04 16.30 4.00
CA GLU A 174 -26.04 15.47 4.67
C GLU A 174 -25.50 14.06 4.75
N GLY A 175 -25.45 13.52 5.97
CA GLY A 175 -24.94 12.18 6.17
C GLY A 175 -23.44 12.10 6.00
N GLY A 176 -22.95 10.86 6.00
CA GLY A 176 -21.53 10.61 5.84
C GLY A 176 -21.20 9.76 4.63
N GLY A 177 -20.09 9.03 4.71
CA GLY A 177 -19.67 8.19 3.60
C GLY A 177 -18.25 7.69 3.78
N VAL A 178 -17.47 7.72 2.69
CA VAL A 178 -16.09 7.28 2.70
C VAL A 178 -15.24 8.24 1.88
N ALA A 179 -13.94 8.20 2.13
CA ALA A 179 -12.97 9.00 1.39
C ALA A 179 -11.62 8.30 1.48
N MET A 180 -10.77 8.58 0.49
CA MET A 180 -9.47 7.94 0.45
C MET A 180 -8.50 8.81 -0.33
N GLY A 181 -7.22 8.66 -0.01
CA GLY A 181 -6.16 9.28 -0.77
C GLY A 181 -5.14 8.24 -1.20
N MET A 182 -4.71 8.35 -2.45
CA MET A 182 -3.70 7.44 -2.99
C MET A 182 -2.67 8.25 -3.76
N TYR A 183 -1.55 7.61 -4.07
CA TYR A 183 -0.42 8.30 -4.67
C TYR A 183 0.35 7.33 -5.55
N ASN A 184 1.24 7.88 -6.36
CA ASN A 184 2.26 7.09 -7.05
C ASN A 184 3.48 7.98 -7.27
N GLN A 185 4.59 7.34 -7.57
CA GLN A 185 5.90 7.99 -7.57
C GLN A 185 6.49 8.00 -8.98
N ASP A 186 7.11 9.13 -9.34
CA ASP A 186 7.67 9.27 -10.68
C ASP A 186 8.73 8.21 -10.96
N LYS A 187 9.66 8.03 -10.02
CA LYS A 187 10.70 7.03 -10.21
C LYS A 187 10.13 5.62 -10.31
N SER A 188 9.02 5.35 -9.62
CA SER A 188 8.39 4.04 -9.71
C SER A 188 7.71 3.84 -11.06
N ILE A 189 7.09 4.90 -11.59
CA ILE A 189 6.46 4.80 -12.90
C ILE A 189 7.50 4.64 -13.99
N GLU A 190 8.66 5.30 -13.84
CA GLU A 190 9.70 5.21 -14.85
C GLU A 190 10.31 3.81 -14.90
N ASP A 191 10.53 3.19 -13.73
CA ASP A 191 10.96 1.80 -13.71
C ASP A 191 9.89 0.90 -14.30
N PHE A 192 8.62 1.17 -13.97
CA PHE A 192 7.52 0.40 -14.53
C PHE A 192 7.51 0.48 -16.05
N ALA A 193 7.86 1.65 -16.60
CA ALA A 193 7.92 1.79 -18.05
C ALA A 193 9.06 0.98 -18.64
N HIS A 194 10.26 1.11 -18.07
CA HIS A 194 11.43 0.41 -18.60
C HIS A 194 11.24 -1.11 -18.54
N SER A 195 10.64 -1.61 -17.46
CA SER A 195 10.36 -3.04 -17.38
C SER A 195 9.37 -3.47 -18.46
N SER A 196 8.44 -2.59 -18.84
CA SER A 196 7.45 -2.93 -19.85
C SER A 196 8.03 -2.90 -21.25
N PHE A 197 8.88 -1.92 -21.54
CA PHE A 197 9.48 -1.84 -22.88
C PHE A 197 10.45 -3.00 -23.10
N GLN A 198 11.24 -3.35 -22.09
CA GLN A 198 12.23 -4.41 -22.24
C GLN A 198 11.57 -5.77 -22.42
N MET A 199 10.39 -5.98 -21.81
CA MET A 199 9.72 -7.26 -21.96
C MET A 199 9.14 -7.42 -23.36
N ALA A 200 8.67 -6.32 -23.96
CA ALA A 200 8.20 -6.39 -25.34
C ALA A 200 9.33 -6.66 -26.32
N LEU A 201 10.53 -6.16 -26.00
CA LEU A 201 11.69 -6.40 -26.87
C LEU A 201 12.20 -7.83 -26.75
N SER A 202 12.18 -8.39 -25.54
CA SER A 202 12.65 -9.76 -25.33
C SER A 202 11.65 -10.79 -25.84
N LYS A 203 10.39 -10.40 -26.06
CA LYS A 203 9.38 -11.31 -26.56
C LYS A 203 9.00 -11.07 -28.01
N GLY A 204 9.29 -9.88 -28.55
CA GLY A 204 8.94 -9.58 -29.92
C GLY A 204 7.46 -9.29 -30.15
N TRP A 205 6.79 -8.72 -29.16
CA TRP A 205 5.38 -8.39 -29.22
C TRP A 205 5.16 -6.90 -28.99
N PRO A 206 4.06 -6.35 -29.49
CA PRO A 206 3.75 -4.95 -29.19
C PRO A 206 3.39 -4.77 -27.72
N LEU A 207 3.44 -3.51 -27.29
CA LEU A 207 3.16 -3.14 -25.91
C LEU A 207 1.98 -2.18 -25.86
N TYR A 208 1.07 -2.42 -24.91
CA TYR A 208 -0.08 -1.55 -24.70
C TYR A 208 -0.16 -1.17 -23.24
N LEU A 209 -0.26 0.13 -22.95
CA LEU A 209 -0.50 0.64 -21.61
C LEU A 209 -1.96 1.09 -21.51
N SER A 210 -2.60 0.71 -20.41
CA SER A 210 -4.02 1.01 -20.19
C SER A 210 -4.17 1.95 -19.01
N THR A 211 -4.71 3.14 -19.27
CA THR A 211 -5.09 4.06 -18.20
C THR A 211 -6.51 4.56 -18.42
N LYS A 212 -6.93 5.55 -17.63
CA LYS A 212 -8.17 6.28 -17.84
C LYS A 212 -7.89 7.77 -17.79
N ASN A 213 -6.90 8.21 -18.58
CA ASN A 213 -6.43 9.59 -18.53
C ASN A 213 -7.45 10.58 -19.06
N THR A 214 -8.53 10.11 -19.69
CA THR A 214 -9.61 11.02 -20.07
C THR A 214 -10.38 11.53 -18.86
N ILE A 215 -10.34 10.80 -17.75
CA ILE A 215 -11.00 11.21 -16.51
C ILE A 215 -9.99 11.60 -15.44
N LEU A 216 -8.92 10.82 -15.28
CA LEU A 216 -7.83 11.16 -14.38
C LEU A 216 -6.72 11.82 -15.18
N LYS A 217 -6.98 13.08 -15.55
CA LYS A 217 -6.11 13.78 -16.50
C LYS A 217 -4.70 13.98 -15.95
N LYS A 218 -4.58 14.21 -14.65
CA LYS A 218 -3.27 14.42 -14.04
C LYS A 218 -2.64 13.14 -13.50
N TYR A 219 -3.44 12.31 -12.84
CA TYR A 219 -2.92 11.08 -12.26
C TYR A 219 -2.50 10.09 -13.35
N ASP A 220 -3.44 9.71 -14.22
CA ASP A 220 -3.11 8.78 -15.29
C ASP A 220 -2.31 9.45 -16.39
N GLY A 221 -2.51 10.75 -16.59
CA GLY A 221 -1.70 11.47 -17.57
C GLY A 221 -0.22 11.37 -17.30
N ARG A 222 0.16 11.25 -16.02
CA ARG A 222 1.56 11.04 -15.68
C ARG A 222 2.06 9.70 -16.22
N PHE A 223 1.23 8.66 -16.12
CA PHE A 223 1.60 7.36 -16.68
C PHE A 223 1.76 7.44 -18.19
N LYS A 224 0.79 8.06 -18.87
CA LYS A 224 0.84 8.15 -20.32
C LYS A 224 2.01 9.01 -20.78
N ASP A 225 2.31 10.10 -20.06
CA ASP A 225 3.40 10.97 -20.46
C ASP A 225 4.76 10.32 -20.22
N ILE A 226 4.92 9.67 -19.07
CA ILE A 226 6.19 9.01 -18.76
C ILE A 226 6.45 7.86 -19.72
N PHE A 227 5.42 7.05 -19.97
CA PHE A 227 5.56 5.96 -20.94
C PHE A 227 5.88 6.47 -22.33
N GLN A 228 5.27 7.58 -22.72
CA GLN A 228 5.50 8.11 -24.07
C GLN A 228 6.86 8.78 -24.17
N GLU A 229 7.32 9.44 -23.10
CA GLU A 229 8.61 10.11 -23.14
C GLU A 229 9.75 9.10 -23.19
N ILE A 230 9.66 8.04 -22.38
CA ILE A 230 10.72 7.03 -22.35
C ILE A 230 10.76 6.25 -23.67
N TYR A 231 9.60 6.03 -24.29
CA TYR A 231 9.56 5.30 -25.55
C TYR A 231 10.26 6.06 -26.67
N ASP A 232 9.95 7.36 -26.80
CA ASP A 232 10.52 8.14 -27.90
C ASP A 232 12.02 8.35 -27.73
N LYS A 233 12.51 8.40 -26.50
CA LYS A 233 13.91 8.73 -26.25
C LYS A 233 14.83 7.52 -26.26
N GLN A 234 14.34 6.35 -25.83
CA GLN A 234 15.21 5.20 -25.62
C GLN A 234 14.77 3.93 -26.32
N TYR A 235 13.52 3.79 -26.75
CA TYR A 235 13.03 2.54 -27.29
C TYR A 235 12.31 2.66 -28.63
N LYS A 236 12.18 3.86 -29.18
CA LYS A 236 11.41 4.04 -30.41
C LYS A 236 12.02 3.25 -31.57
N SER A 237 13.31 3.47 -31.84
CA SER A 237 13.95 2.80 -32.97
C SER A 237 14.10 1.30 -32.73
N GLN A 238 14.23 0.88 -31.47
CA GLN A 238 14.37 -0.54 -31.18
C GLN A 238 13.07 -1.30 -31.45
N PHE A 239 11.94 -0.68 -31.12
CA PHE A 239 10.65 -1.30 -31.43
C PHE A 239 10.43 -1.39 -32.93
N GLU A 240 10.79 -0.33 -33.67
CA GLU A 240 10.63 -0.35 -35.12
C GLU A 240 11.52 -1.39 -35.77
N ALA A 241 12.64 -1.73 -35.15
CA ALA A 241 13.55 -2.72 -35.72
C ALA A 241 12.92 -4.11 -35.71
N GLN A 242 12.28 -4.49 -34.61
CA GLN A 242 11.62 -5.79 -34.47
C GLN A 242 10.20 -5.79 -35.02
N LYS A 243 9.81 -4.74 -35.74
CA LYS A 243 8.47 -4.65 -36.36
C LYS A 243 7.37 -4.74 -35.31
N ILE A 244 7.57 -4.08 -34.18
CA ILE A 244 6.55 -3.99 -33.14
C ILE A 244 6.27 -2.51 -32.86
N TRP A 245 5.50 -2.23 -31.81
CA TRP A 245 5.09 -0.87 -31.52
C TRP A 245 4.62 -0.77 -30.08
N TYR A 246 4.44 0.46 -29.63
CA TYR A 246 3.82 0.76 -28.34
C TYR A 246 2.73 1.80 -28.55
N GLU A 247 1.60 1.61 -27.87
CA GLU A 247 0.48 2.52 -27.98
C GLU A 247 -0.33 2.54 -26.68
N HIS A 248 -0.81 3.71 -26.31
CA HIS A 248 -1.64 3.88 -25.13
C HIS A 248 -3.10 3.61 -25.45
N ARG A 249 -3.82 3.01 -24.50
CA ARG A 249 -5.22 2.68 -24.66
C ARG A 249 -5.98 3.04 -23.40
N LEU A 250 -7.24 3.43 -23.56
CA LEU A 250 -8.13 3.53 -22.42
C LEU A 250 -8.43 2.13 -21.88
N ILE A 251 -8.62 2.04 -20.56
CA ILE A 251 -8.72 0.74 -19.92
C ILE A 251 -9.95 -0.02 -20.42
N ASP A 252 -11.08 0.67 -20.55
CA ASP A 252 -12.30 0.00 -21.00
C ASP A 252 -12.15 -0.48 -22.44
N ASP A 253 -11.46 0.28 -23.29
CA ASP A 253 -11.23 -0.16 -24.66
C ASP A 253 -10.18 -1.26 -24.72
N MET A 254 -9.23 -1.27 -23.77
CA MET A 254 -8.17 -2.27 -23.80
C MET A 254 -8.71 -3.66 -23.46
N VAL A 255 -9.61 -3.75 -22.49
CA VAL A 255 -10.18 -5.04 -22.11
C VAL A 255 -10.91 -5.66 -23.29
N ALA A 256 -11.73 -4.87 -23.98
CA ALA A 256 -12.45 -5.38 -25.14
C ALA A 256 -11.50 -5.66 -26.30
N GLN A 257 -10.48 -4.82 -26.48
CA GLN A 257 -9.50 -5.06 -27.52
C GLN A 257 -8.77 -6.39 -27.30
N ALA A 258 -8.36 -6.66 -26.06
CA ALA A 258 -7.73 -7.95 -25.75
C ALA A 258 -8.73 -9.09 -25.83
N MET A 259 -10.01 -8.81 -25.57
CA MET A 259 -11.01 -9.87 -25.55
C MET A 259 -11.19 -10.50 -26.93
N LYS A 260 -11.16 -9.68 -27.98
CA LYS A 260 -11.38 -10.16 -29.34
C LYS A 260 -10.09 -10.27 -30.15
N SER A 261 -8.93 -10.14 -29.50
CA SER A 261 -7.66 -10.28 -30.20
C SER A 261 -7.29 -11.75 -30.30
N GLU A 262 -6.09 -12.01 -30.82
CA GLU A 262 -5.53 -13.35 -30.86
C GLU A 262 -4.33 -13.49 -29.93
N GLY A 263 -4.23 -12.64 -28.92
CA GLY A 263 -3.12 -12.69 -27.98
C GLY A 263 -1.85 -12.12 -28.59
N GLY A 264 -0.73 -12.51 -27.99
CA GLY A 264 0.58 -12.10 -28.48
C GLY A 264 0.86 -10.62 -28.30
N PHE A 265 0.81 -10.14 -27.06
CA PHE A 265 1.13 -8.75 -26.78
C PHE A 265 1.42 -8.60 -25.29
N ILE A 266 2.10 -7.52 -24.95
CA ILE A 266 2.41 -7.17 -23.57
C ILE A 266 1.42 -6.10 -23.11
N TRP A 267 0.88 -6.28 -21.91
CA TRP A 267 -0.18 -5.41 -21.39
C TRP A 267 0.29 -4.83 -20.06
N ALA A 268 0.75 -3.58 -20.08
CA ALA A 268 1.18 -2.90 -18.88
C ALA A 268 -0.03 -2.32 -18.15
N CYS A 269 -0.27 -2.80 -16.93
CA CYS A 269 -1.43 -2.41 -16.14
C CYS A 269 -1.00 -1.67 -14.89
N LYS A 270 -1.79 -0.67 -14.50
CA LYS A 270 -1.65 -0.09 -13.17
C LYS A 270 -1.95 -1.15 -12.12
N ASN A 271 -1.60 -0.83 -10.88
CA ASN A 271 -1.63 -1.83 -9.80
C ASN A 271 -2.98 -2.51 -9.69
N TYR A 272 -4.05 -1.72 -9.64
CA TYR A 272 -5.38 -2.30 -9.46
C TYR A 272 -5.83 -3.07 -10.71
N ASP A 273 -5.62 -2.49 -11.89
CA ASP A 273 -6.02 -3.18 -13.12
C ASP A 273 -5.22 -4.46 -13.32
N GLY A 274 -3.95 -4.47 -12.89
CA GLY A 274 -3.16 -5.69 -13.01
C GLY A 274 -3.71 -6.82 -12.18
N ASP A 275 -4.25 -6.51 -11.00
CA ASP A 275 -4.88 -7.53 -10.17
C ASP A 275 -6.14 -8.06 -10.83
N VAL A 276 -7.02 -7.17 -11.29
CA VAL A 276 -8.29 -7.59 -11.87
C VAL A 276 -8.07 -8.34 -13.17
N GLN A 277 -7.33 -7.73 -14.10
CA GLN A 277 -7.26 -8.26 -15.46
C GLN A 277 -6.36 -9.47 -15.59
N SER A 278 -5.42 -9.69 -14.66
CA SER A 278 -4.61 -10.91 -14.72
C SER A 278 -5.46 -12.15 -14.45
N ASP A 279 -6.45 -12.04 -13.55
CA ASP A 279 -7.40 -13.13 -13.38
C ASP A 279 -8.35 -13.23 -14.57
N PHE A 280 -8.65 -12.10 -15.22
CA PHE A 280 -9.40 -12.12 -16.47
C PHE A 280 -8.65 -12.89 -17.54
N VAL A 281 -7.33 -12.69 -17.64
CA VAL A 281 -6.53 -13.41 -18.62
C VAL A 281 -6.36 -14.87 -18.22
N ALA A 282 -6.08 -15.12 -16.94
CA ALA A 282 -5.83 -16.49 -16.48
C ALA A 282 -7.06 -17.36 -16.69
N GLN A 283 -8.25 -16.86 -16.32
CA GLN A 283 -9.47 -17.63 -16.50
C GLN A 283 -9.81 -17.80 -17.98
N GLY A 284 -9.47 -16.82 -18.81
CA GLY A 284 -9.77 -16.92 -20.22
C GLY A 284 -8.99 -18.01 -20.93
N TYR A 285 -7.75 -18.26 -20.50
CA TYR A 285 -6.93 -19.29 -21.11
C TYR A 285 -7.27 -20.69 -20.64
N GLY A 286 -8.17 -20.84 -19.67
CA GLY A 286 -8.60 -22.16 -19.26
C GLY A 286 -8.84 -22.33 -17.77
N SER A 287 -7.81 -22.10 -16.97
CA SER A 287 -7.88 -22.31 -15.53
C SER A 287 -7.29 -21.12 -14.80
N LEU A 288 -7.99 -20.65 -13.76
CA LEU A 288 -7.55 -19.48 -13.03
C LEU A 288 -6.23 -19.73 -12.32
N GLY A 289 -5.95 -20.97 -11.93
CA GLY A 289 -4.73 -21.26 -11.18
C GLY A 289 -3.50 -21.52 -12.03
N MET A 290 -3.68 -21.75 -13.34
CA MET A 290 -2.56 -22.03 -14.24
C MET A 290 -1.97 -20.70 -14.69
N MET A 291 -1.08 -20.15 -13.86
CA MET A 291 -0.51 -18.84 -14.12
C MET A 291 0.78 -18.68 -13.34
N THR A 292 1.74 -17.99 -13.94
CA THR A 292 2.97 -17.58 -13.28
C THR A 292 2.87 -16.13 -12.84
N SER A 293 3.61 -15.79 -11.78
CA SER A 293 3.58 -14.44 -11.24
C SER A 293 4.97 -14.14 -10.67
N VAL A 294 5.74 -13.32 -11.38
CA VAL A 294 7.12 -13.01 -11.01
C VAL A 294 7.26 -11.50 -10.90
N LEU A 295 7.63 -11.03 -9.72
CA LEU A 295 7.93 -9.62 -9.51
C LEU A 295 9.36 -9.34 -9.94
N VAL A 296 9.52 -8.37 -10.85
CA VAL A 296 10.83 -7.99 -11.37
C VAL A 296 11.17 -6.62 -10.80
N CYS A 297 12.18 -6.57 -9.93
CA CYS A 297 12.54 -5.33 -9.26
C CYS A 297 13.25 -4.39 -10.22
N PRO A 298 13.23 -3.08 -9.94
CA PRO A 298 13.89 -2.13 -10.85
C PRO A 298 15.39 -2.29 -10.95
N ASP A 299 16.04 -2.92 -9.96
CA ASP A 299 17.48 -3.07 -10.00
C ASP A 299 17.97 -4.03 -11.07
N GLY A 300 17.06 -4.81 -11.68
CA GLY A 300 17.43 -5.75 -12.71
C GLY A 300 18.07 -7.03 -12.23
N LYS A 301 18.20 -7.22 -10.92
CA LYS A 301 18.82 -8.42 -10.37
C LYS A 301 17.96 -9.14 -9.34
N THR A 302 16.99 -8.48 -8.73
CA THR A 302 16.17 -9.07 -7.67
C THR A 302 14.79 -9.41 -8.21
N VAL A 303 14.31 -10.62 -7.91
CA VAL A 303 12.99 -11.07 -8.32
C VAL A 303 12.31 -11.79 -7.17
N GLU A 304 10.98 -11.83 -7.23
CA GLU A 304 10.16 -12.59 -6.29
C GLU A 304 9.11 -13.36 -7.07
N ALA A 305 9.26 -14.68 -7.12
CA ALA A 305 8.27 -15.54 -7.75
C ALA A 305 7.28 -16.04 -6.69
N GLU A 306 6.01 -16.11 -7.06
CA GLU A 306 4.96 -16.44 -6.11
C GLU A 306 3.91 -17.31 -6.77
N ALA A 307 3.08 -17.94 -5.93
CA ALA A 307 1.85 -18.57 -6.35
C ALA A 307 0.72 -17.58 -6.10
N ALA A 308 0.03 -17.18 -7.16
CA ALA A 308 -0.88 -16.04 -7.09
C ALA A 308 -2.31 -16.41 -6.72
N HIS A 309 -2.65 -17.70 -6.65
CA HIS A 309 -4.01 -18.10 -6.34
C HIS A 309 -4.19 -18.23 -4.83
N GLY A 310 -5.32 -18.80 -4.41
CA GLY A 310 -5.64 -18.92 -3.00
C GLY A 310 -4.99 -20.14 -2.36
N THR A 311 -5.26 -20.30 -1.07
CA THR A 311 -4.66 -21.36 -0.27
C THR A 311 -5.49 -22.63 -0.24
N VAL A 312 -6.61 -22.68 -0.96
CA VAL A 312 -7.46 -23.86 -1.10
C VAL A 312 -7.87 -24.36 0.29
N THR A 313 -8.79 -23.65 0.93
CA THR A 313 -9.17 -23.99 2.30
C THR A 313 -9.96 -25.28 2.37
N ARG A 314 -10.83 -25.52 1.38
CA ARG A 314 -11.70 -26.69 1.41
C ARG A 314 -10.89 -27.98 1.38
N HIS A 315 -9.81 -28.01 0.59
CA HIS A 315 -8.97 -29.20 0.56
C HIS A 315 -8.16 -29.35 1.84
N TYR A 316 -7.80 -28.23 2.47
CA TYR A 316 -7.04 -28.31 3.72
C TYR A 316 -7.88 -28.92 4.84
N ARG A 317 -9.18 -28.58 4.88
CA ARG A 317 -10.07 -29.20 5.85
C ARG A 317 -10.16 -30.70 5.63
N MET A 318 -10.20 -31.13 4.36
CA MET A 318 -10.24 -32.55 4.06
C MET A 318 -8.92 -33.23 4.40
N TYR A 319 -7.80 -32.55 4.16
CA TYR A 319 -6.51 -33.14 4.45
C TYR A 319 -6.33 -33.37 5.95
N GLN A 320 -6.83 -32.46 6.77
CA GLN A 320 -6.68 -32.64 8.21
C GLN A 320 -7.55 -33.78 8.72
N LYS A 321 -8.71 -34.01 8.10
CA LYS A 321 -9.53 -35.16 8.43
C LYS A 321 -9.08 -36.44 7.72
N GLY A 322 -7.90 -36.43 7.11
CA GLY A 322 -7.40 -37.60 6.41
C GLY A 322 -8.15 -37.98 5.16
N GLN A 323 -9.03 -37.11 4.66
CA GLN A 323 -9.80 -37.40 3.47
C GLN A 323 -8.98 -37.08 2.22
N GLU A 324 -9.28 -37.80 1.14
CA GLU A 324 -8.53 -37.65 -0.09
C GLU A 324 -8.83 -36.31 -0.75
N THR A 325 -7.77 -35.65 -1.23
CA THR A 325 -7.88 -34.38 -1.93
C THR A 325 -7.23 -34.51 -3.30
N SER A 326 -7.45 -33.49 -4.13
CA SER A 326 -6.88 -33.43 -5.49
C SER A 326 -6.52 -31.97 -5.75
N THR A 327 -5.33 -31.57 -5.33
CA THR A 327 -4.90 -30.18 -5.35
C THR A 327 -3.89 -29.94 -6.47
N ASN A 328 -4.15 -28.93 -7.28
CA ASN A 328 -3.26 -28.57 -8.39
C ASN A 328 -2.01 -27.89 -7.84
N PRO A 329 -0.82 -28.46 -8.02
CA PRO A 329 0.41 -27.84 -7.50
C PRO A 329 1.21 -27.05 -8.54
N ILE A 330 0.70 -26.91 -9.76
CA ILE A 330 1.52 -26.38 -10.86
C ILE A 330 1.95 -24.94 -10.58
N ALA A 331 1.01 -24.11 -10.12
CA ALA A 331 1.35 -22.71 -9.84
C ALA A 331 2.42 -22.61 -8.77
N SER A 332 2.36 -23.47 -7.74
CA SER A 332 3.39 -23.48 -6.73
C SER A 332 4.70 -24.05 -7.26
N ILE A 333 4.62 -24.99 -8.21
CA ILE A 333 5.83 -25.57 -8.79
C ILE A 333 6.56 -24.53 -9.63
N PHE A 334 5.82 -23.83 -10.50
CA PHE A 334 6.45 -22.83 -11.37
C PHE A 334 6.97 -21.63 -10.59
N ALA A 335 6.46 -21.41 -9.37
CA ALA A 335 7.09 -20.40 -8.52
C ALA A 335 8.51 -20.79 -8.16
N TRP A 336 8.73 -22.08 -7.91
CA TRP A 336 10.08 -22.56 -7.62
C TRP A 336 10.97 -22.51 -8.86
N THR A 337 10.45 -22.97 -10.00
CA THR A 337 11.27 -23.03 -11.20
C THR A 337 11.63 -21.65 -11.72
N ARG A 338 10.67 -20.71 -11.71
CA ARG A 338 10.98 -19.35 -12.14
C ARG A 338 11.97 -18.69 -11.21
N GLY A 339 11.89 -18.99 -9.92
CA GLY A 339 12.86 -18.45 -8.98
C GLY A 339 14.23 -19.08 -9.14
N LEU A 340 14.28 -20.40 -9.32
CA LEU A 340 15.56 -21.08 -9.52
C LEU A 340 16.19 -20.70 -10.85
N ALA A 341 15.37 -20.42 -11.87
CA ALA A 341 15.91 -20.02 -13.16
C ALA A 341 16.65 -18.70 -13.07
N HIS A 342 16.07 -17.72 -12.37
CA HIS A 342 16.75 -16.44 -12.18
C HIS A 342 18.02 -16.61 -11.34
N ARG A 343 17.98 -17.51 -10.36
CA ARG A 343 19.18 -17.82 -9.58
C ARG A 343 20.29 -18.33 -10.47
N ALA A 344 19.97 -19.25 -11.38
CA ALA A 344 20.98 -19.79 -12.29
C ALA A 344 21.48 -18.74 -13.26
N LYS A 345 20.63 -17.76 -13.61
CA LYS A 345 21.08 -16.68 -14.49
C LYS A 345 22.08 -15.77 -13.78
N LEU A 346 21.84 -15.46 -12.50
CA LEU A 346 22.76 -14.62 -11.75
C LEU A 346 24.06 -15.34 -11.44
N ASP A 347 24.01 -16.67 -11.28
CA ASP A 347 25.18 -17.45 -10.89
C ASP A 347 25.85 -18.14 -12.06
N ASN A 348 25.35 -17.96 -13.28
CA ASN A 348 25.84 -18.67 -14.46
C ASN A 348 25.88 -20.18 -14.21
N ASN A 349 24.86 -20.68 -13.53
CA ASN A 349 24.75 -22.10 -13.20
C ASN A 349 24.03 -22.79 -14.34
N LYS A 350 24.79 -23.44 -15.22
CA LYS A 350 24.18 -24.15 -16.34
C LYS A 350 23.34 -25.33 -15.87
N GLU A 351 23.75 -25.98 -14.78
CA GLU A 351 23.03 -27.17 -14.31
C GLU A 351 21.73 -26.79 -13.62
N LEU A 352 21.72 -25.71 -12.83
CA LEU A 352 20.48 -25.28 -12.18
C LEU A 352 19.48 -24.76 -13.21
N ALA A 353 19.96 -24.11 -14.28
CA ALA A 353 19.06 -23.62 -15.30
C ALA A 353 18.38 -24.76 -16.05
N PHE A 354 19.15 -25.80 -16.37
CA PHE A 354 18.56 -26.95 -17.06
C PHE A 354 17.54 -27.66 -16.19
N PHE A 355 17.79 -27.72 -14.87
CA PHE A 355 16.86 -28.38 -13.97
C PHE A 355 15.54 -27.64 -13.90
N ALA A 356 15.58 -26.30 -13.81
CA ALA A 356 14.35 -25.52 -13.70
C ALA A 356 13.49 -25.67 -14.94
N ASN A 357 14.10 -25.59 -16.12
CA ASN A 357 13.35 -25.75 -17.37
C ASN A 357 12.84 -27.18 -17.52
N ALA A 358 13.60 -28.16 -17.06
CA ALA A 358 13.17 -29.56 -17.17
C ALA A 358 11.95 -29.83 -16.30
N LEU A 359 11.91 -29.24 -15.10
CA LEU A 359 10.76 -29.43 -14.22
C LEU A 359 9.50 -28.79 -14.81
N GLU A 360 9.64 -27.67 -15.51
CA GLU A 360 8.48 -27.07 -16.17
C GLU A 360 8.01 -27.92 -17.33
N GLU A 361 8.94 -28.56 -18.05
CA GLU A 361 8.55 -29.44 -19.15
C GLU A 361 7.83 -30.68 -18.63
N VAL A 362 8.36 -31.29 -17.58
CA VAL A 362 7.71 -32.47 -17.00
C VAL A 362 6.30 -32.14 -16.54
N SER A 363 6.12 -30.97 -15.94
CA SER A 363 4.79 -30.55 -15.48
C SER A 363 3.81 -30.46 -16.65
N ILE A 364 4.23 -29.80 -17.73
CA ILE A 364 3.36 -29.63 -18.88
C ILE A 364 3.14 -30.95 -19.61
N GLU A 365 4.20 -31.77 -19.70
CA GLU A 365 4.09 -33.03 -20.44
C GLU A 365 3.24 -34.05 -19.69
N THR A 366 3.26 -34.02 -18.35
CA THR A 366 2.45 -34.95 -17.58
C THR A 366 0.96 -34.67 -17.75
N ILE A 367 0.58 -33.39 -17.74
CA ILE A 367 -0.82 -33.03 -17.91
C ILE A 367 -1.28 -33.33 -19.34
N GLU A 368 -0.44 -32.99 -20.33
CA GLU A 368 -0.80 -33.25 -21.71
C GLU A 368 -0.85 -34.74 -22.04
N ALA A 369 -0.25 -35.58 -21.21
CA ALA A 369 -0.32 -37.02 -21.37
C ALA A 369 -1.56 -37.64 -20.73
N GLY A 370 -2.39 -36.83 -20.07
CA GLY A 370 -3.62 -37.31 -19.49
C GLY A 370 -3.61 -37.48 -17.99
N PHE A 371 -2.54 -37.10 -17.30
CA PHE A 371 -2.42 -37.21 -15.86
C PHE A 371 -2.57 -35.83 -15.25
N MET A 372 -3.62 -35.63 -14.45
CA MET A 372 -3.93 -34.30 -13.95
C MET A 372 -4.79 -34.43 -12.69
N THR A 373 -4.90 -33.33 -11.96
CA THR A 373 -5.78 -33.26 -10.81
C THR A 373 -7.22 -33.06 -11.26
N LYS A 374 -8.14 -33.11 -10.28
CA LYS A 374 -9.57 -33.07 -10.61
C LYS A 374 -9.98 -31.76 -11.26
N ASP A 375 -9.37 -30.64 -10.87
CA ASP A 375 -9.75 -29.35 -11.43
C ASP A 375 -9.44 -29.27 -12.92
N LEU A 376 -8.31 -29.84 -13.34
CA LEU A 376 -7.96 -29.81 -14.75
C LEU A 376 -8.81 -30.79 -15.55
N ALA A 377 -9.18 -31.93 -14.96
CA ALA A 377 -10.09 -32.84 -15.63
C ALA A 377 -11.48 -32.22 -15.80
N ALA A 378 -11.91 -31.42 -14.82
CA ALA A 378 -13.19 -30.72 -14.94
C ALA A 378 -13.16 -29.69 -16.05
N CYS A 379 -12.01 -29.11 -16.34
CA CYS A 379 -11.90 -28.18 -17.46
C CYS A 379 -12.14 -28.88 -18.79
N ILE A 380 -11.83 -30.18 -18.86
CA ILE A 380 -11.91 -30.92 -20.13
C ILE A 380 -13.31 -31.53 -20.29
N LYS A 381 -13.71 -32.34 -19.31
CA LYS A 381 -14.96 -33.11 -19.43
C LYS A 381 -16.16 -32.41 -18.81
N GLY A 382 -15.95 -31.34 -18.06
CA GLY A 382 -17.04 -30.74 -17.30
C GLY A 382 -17.19 -31.44 -15.97
N LEU A 383 -17.39 -30.66 -14.90
CA LEU A 383 -17.40 -31.23 -13.56
C LEU A 383 -18.47 -32.31 -13.35
N PRO A 384 -19.72 -32.16 -13.81
CA PRO A 384 -20.70 -33.24 -13.60
C PRO A 384 -20.34 -34.53 -14.33
N ASN A 385 -19.44 -34.49 -15.30
CA ASN A 385 -19.06 -35.68 -16.05
C ASN A 385 -17.72 -36.25 -15.61
N VAL A 386 -17.14 -35.73 -14.52
CA VAL A 386 -15.83 -36.17 -14.06
C VAL A 386 -16.01 -37.38 -13.15
N GLN A 387 -15.41 -38.50 -13.56
CA GLN A 387 -15.37 -39.70 -12.74
C GLN A 387 -14.05 -39.77 -11.98
N ARG A 388 -14.02 -40.65 -10.98
CA ARG A 388 -12.80 -40.81 -10.18
C ARG A 388 -11.62 -41.28 -11.03
N SER A 389 -11.87 -42.11 -12.04
CA SER A 389 -10.82 -42.60 -12.92
C SER A 389 -10.32 -41.56 -13.91
N ASP A 390 -10.83 -40.33 -13.84
CA ASP A 390 -10.40 -39.27 -14.75
C ASP A 390 -9.26 -38.42 -14.21
N TYR A 391 -8.93 -38.55 -12.92
CA TYR A 391 -7.92 -37.69 -12.33
C TYR A 391 -7.15 -38.46 -11.27
N LEU A 392 -6.08 -37.82 -10.78
CA LEU A 392 -5.25 -38.36 -9.71
C LEU A 392 -5.34 -37.45 -8.49
N ASN A 393 -5.15 -38.03 -7.31
CA ASN A 393 -5.21 -37.24 -6.10
C ASN A 393 -3.94 -36.40 -5.96
N THR A 394 -3.83 -35.68 -4.84
CA THR A 394 -2.69 -34.79 -4.62
C THR A 394 -1.38 -35.56 -4.65
N PHE A 395 -1.31 -36.67 -3.92
CA PHE A 395 -0.07 -37.42 -3.84
C PHE A 395 0.18 -38.27 -5.08
N GLU A 396 -0.89 -38.75 -5.72
CA GLU A 396 -0.71 -39.48 -6.97
C GLU A 396 -0.15 -38.58 -8.07
N PHE A 397 -0.59 -37.33 -8.11
CA PHE A 397 -0.11 -36.41 -9.14
C PHE A 397 1.34 -36.00 -8.86
N MET A 398 1.66 -35.71 -7.60
CA MET A 398 3.05 -35.42 -7.25
C MET A 398 3.95 -36.62 -7.50
N ASP A 399 3.45 -37.83 -7.24
CA ASP A 399 4.21 -39.04 -7.55
C ASP A 399 4.46 -39.16 -9.04
N LYS A 400 3.45 -38.86 -9.86
CA LYS A 400 3.61 -38.95 -11.30
C LYS A 400 4.61 -37.92 -11.81
N LEU A 401 4.58 -36.71 -11.23
CA LEU A 401 5.54 -35.68 -11.63
C LEU A 401 6.97 -36.07 -11.25
N GLY A 402 7.16 -36.52 -10.01
CA GLY A 402 8.48 -36.96 -9.58
C GLY A 402 8.97 -38.17 -10.35
N GLU A 403 8.06 -39.06 -10.75
CA GLU A 403 8.43 -40.19 -11.59
C GLU A 403 8.92 -39.73 -12.95
N ASN A 404 8.18 -38.80 -13.57
CA ASN A 404 8.58 -38.31 -14.89
C ASN A 404 9.75 -37.34 -14.83
N LEU A 405 9.87 -36.57 -13.73
CA LEU A 405 11.05 -35.73 -13.56
C LEU A 405 12.31 -36.57 -13.42
N LYS A 406 12.21 -37.69 -12.69
CA LYS A 406 13.36 -38.58 -12.54
C LYS A 406 13.77 -39.20 -13.86
N ILE A 407 12.81 -39.44 -14.75
CA ILE A 407 13.12 -40.03 -16.05
C ILE A 407 13.80 -39.00 -16.94
N LYS A 408 13.25 -37.79 -17.02
CA LYS A 408 13.82 -36.77 -17.90
C LYS A 408 15.21 -36.35 -17.44
N LEU A 409 15.43 -36.26 -16.13
CA LEU A 409 16.75 -35.90 -15.63
C LEU A 409 17.75 -37.05 -15.83
N ALA A 410 17.29 -38.29 -15.74
CA ALA A 410 18.19 -39.42 -15.96
C ALA A 410 18.57 -39.54 -17.43
N GLN A 411 17.63 -39.28 -18.34
CA GLN A 411 17.94 -39.33 -19.76
C GLN A 411 18.96 -38.27 -20.16
N ALA A 412 18.98 -37.14 -19.44
CA ALA A 412 19.94 -36.08 -19.76
C ALA A 412 21.35 -36.43 -19.31
N LYS A 413 21.50 -37.33 -18.33
CA LYS A 413 22.83 -37.70 -17.86
C LYS A 413 23.55 -38.62 -18.85
N LEU A 414 22.81 -39.35 -19.68
CA LEU A 414 23.40 -40.36 -20.55
C LEU A 414 23.84 -39.77 -21.87
N LEU A 415 24.26 -38.50 -21.85
CA LEU A 415 24.63 -37.79 -23.07
C LEU A 415 26.12 -37.50 -23.19
N GLU A 416 26.88 -37.62 -22.11
CA GLU A 416 28.30 -37.33 -22.14
C GLU A 416 29.06 -38.26 -23.09
N LYS B 3 -51.64 11.77 -39.25
CA LYS B 3 -51.53 11.79 -37.80
C LYS B 3 -50.45 10.82 -37.32
N LYS B 4 -49.48 11.35 -36.58
CA LYS B 4 -48.42 10.55 -36.00
C LYS B 4 -48.73 10.23 -34.54
N ILE B 5 -47.82 9.51 -33.89
CA ILE B 5 -47.99 9.15 -32.49
C ILE B 5 -47.56 10.32 -31.62
N SER B 6 -48.40 10.68 -30.65
CA SER B 6 -48.06 11.73 -29.70
C SER B 6 -46.96 11.22 -28.78
N GLY B 7 -45.73 11.63 -29.03
CA GLY B 7 -44.60 11.15 -28.26
C GLY B 7 -44.48 11.79 -26.89
N GLY B 8 -44.61 13.10 -26.83
CA GLY B 8 -44.48 13.83 -25.59
C GLY B 8 -43.17 14.58 -25.49
N SER B 9 -42.83 14.95 -24.25
CA SER B 9 -41.63 15.74 -23.97
C SER B 9 -40.44 14.82 -23.74
N VAL B 10 -39.44 14.91 -24.61
CA VAL B 10 -38.22 14.12 -24.51
C VAL B 10 -37.03 15.07 -24.66
N VAL B 11 -36.04 14.93 -23.79
CA VAL B 11 -34.83 15.74 -23.85
C VAL B 11 -33.80 15.02 -24.70
N GLU B 12 -33.32 15.70 -25.74
CA GLU B 12 -32.35 15.14 -26.67
C GLU B 12 -30.98 15.78 -26.43
N MET B 13 -29.93 14.97 -26.55
CA MET B 13 -28.55 15.43 -26.39
C MET B 13 -27.77 15.01 -27.62
N GLN B 14 -27.46 15.97 -28.48
CA GLN B 14 -26.74 15.70 -29.72
C GLN B 14 -25.27 15.47 -29.45
N GLY B 15 -24.64 14.64 -30.29
CA GLY B 15 -23.28 14.19 -30.04
C GLY B 15 -22.22 14.65 -31.01
N ASP B 16 -21.21 13.82 -31.24
CA ASP B 16 -20.00 14.22 -31.96
C ASP B 16 -19.66 13.22 -33.06
N GLU B 17 -19.14 13.75 -34.16
CA GLU B 17 -18.48 12.96 -35.22
C GLU B 17 -19.48 11.97 -35.82
N MET B 18 -19.11 10.70 -36.01
CA MET B 18 -19.97 9.78 -36.75
C MET B 18 -21.26 9.49 -36.01
N THR B 19 -21.18 9.21 -34.70
CA THR B 19 -22.37 8.93 -33.92
C THR B 19 -23.37 10.10 -33.98
N ARG B 20 -22.90 11.30 -34.30
CA ARG B 20 -23.82 12.41 -34.55
C ARG B 20 -24.54 12.25 -35.88
N ILE B 21 -23.83 11.78 -36.91
CA ILE B 21 -24.44 11.56 -38.21
C ILE B 21 -25.53 10.50 -38.12
N ILE B 22 -25.24 9.40 -37.42
CA ILE B 22 -26.23 8.34 -37.22
C ILE B 22 -27.41 8.86 -36.41
N TRP B 23 -27.13 9.73 -35.43
CA TRP B 23 -28.18 10.27 -34.59
C TRP B 23 -29.25 10.99 -35.41
N GLU B 24 -28.84 11.76 -36.41
CA GLU B 24 -29.80 12.45 -37.26
C GLU B 24 -30.49 11.49 -38.22
N LEU B 25 -29.80 10.45 -38.68
CA LEU B 25 -30.43 9.48 -39.56
C LEU B 25 -31.51 8.68 -38.83
N ILE B 26 -31.33 8.43 -37.54
CA ILE B 26 -32.33 7.68 -36.79
C ILE B 26 -33.60 8.51 -36.64
N LYS B 27 -33.45 9.78 -36.29
CA LYS B 27 -34.62 10.66 -36.20
C LYS B 27 -35.28 10.84 -37.56
N GLU B 28 -34.48 10.96 -38.62
CA GLU B 28 -35.04 11.25 -39.94
C GLU B 28 -35.75 10.03 -40.52
N LYS B 29 -35.16 8.84 -40.35
CA LYS B 29 -35.66 7.65 -41.03
C LYS B 29 -36.48 6.71 -40.15
N LEU B 30 -36.41 6.86 -38.83
CA LEU B 30 -37.06 5.92 -37.93
C LEU B 30 -38.02 6.57 -36.94
N ILE B 31 -37.71 7.75 -36.44
CA ILE B 31 -38.50 8.36 -35.37
C ILE B 31 -39.51 9.34 -35.92
N PHE B 32 -39.03 10.40 -36.59
CA PHE B 32 -39.92 11.49 -37.01
C PHE B 32 -41.04 11.06 -37.94
N PRO B 33 -40.84 10.18 -38.93
CA PRO B 33 -41.97 9.79 -39.80
C PRO B 33 -43.14 9.18 -39.06
N TYR B 34 -42.97 8.72 -37.82
CA TYR B 34 -44.01 8.03 -37.09
C TYR B 34 -44.36 8.63 -35.74
N VAL B 35 -43.48 9.43 -35.15
CA VAL B 35 -43.69 9.97 -33.81
C VAL B 35 -43.51 11.49 -33.85
N GLU B 36 -44.46 12.20 -33.24
CA GLU B 36 -44.40 13.65 -33.11
C GLU B 36 -44.00 13.98 -31.67
N LEU B 37 -42.90 14.71 -31.51
CA LEU B 37 -42.28 14.90 -30.21
C LEU B 37 -42.21 16.37 -29.83
N ASP B 38 -42.35 16.62 -28.52
CA ASP B 38 -41.94 17.90 -27.94
C ASP B 38 -40.47 17.74 -27.53
N LEU B 39 -39.59 17.90 -28.52
CA LEU B 39 -38.19 17.57 -28.37
C LEU B 39 -37.44 18.75 -27.77
N HIS B 40 -36.82 18.54 -26.61
CA HIS B 40 -35.96 19.53 -25.96
C HIS B 40 -34.53 19.19 -26.34
N SER B 41 -34.00 19.90 -27.33
CA SER B 41 -32.69 19.59 -27.90
C SER B 41 -31.59 20.37 -27.20
N TYR B 42 -30.50 19.67 -26.88
CA TYR B 42 -29.31 20.28 -26.30
C TYR B 42 -28.10 19.78 -27.08
N ASP B 43 -27.47 20.69 -27.84
CA ASP B 43 -26.31 20.33 -28.66
C ASP B 43 -25.12 20.13 -27.74
N LEU B 44 -24.84 18.88 -27.39
CA LEU B 44 -23.65 18.53 -26.62
C LEU B 44 -22.45 18.25 -27.52
N GLY B 45 -22.47 18.72 -28.76
CA GLY B 45 -21.28 18.65 -29.59
C GLY B 45 -20.13 19.41 -28.96
N ILE B 46 -18.91 18.96 -29.28
CA ILE B 46 -17.73 19.51 -28.62
C ILE B 46 -17.57 21.00 -28.93
N GLU B 47 -18.02 21.43 -30.11
N GLU B 47 -18.02 21.43 -30.11
CA GLU B 47 -17.90 22.85 -30.47
CA GLU B 47 -17.91 22.84 -30.48
C GLU B 47 -18.88 23.71 -29.68
C GLU B 47 -18.87 23.69 -29.65
N ASN B 48 -20.12 23.23 -29.51
CA ASN B 48 -21.10 24.00 -28.77
C ASN B 48 -20.83 23.97 -27.27
N ARG B 49 -20.31 22.85 -26.76
CA ARG B 49 -19.89 22.80 -25.36
C ARG B 49 -18.77 23.81 -25.10
N ASP B 50 -17.80 23.91 -26.02
CA ASP B 50 -16.74 24.89 -25.88
C ASP B 50 -17.29 26.31 -26.00
N ALA B 51 -18.27 26.50 -26.87
CA ALA B 51 -18.83 27.84 -27.07
C ALA B 51 -19.60 28.31 -25.84
N THR B 52 -20.27 27.39 -25.15
CA THR B 52 -21.06 27.73 -23.97
C THR B 52 -20.32 27.48 -22.67
N ASN B 53 -19.01 27.21 -22.73
CA ASN B 53 -18.20 26.92 -21.55
C ASN B 53 -18.79 25.76 -20.75
N ASP B 54 -19.22 24.72 -21.47
CA ASP B 54 -19.78 23.48 -20.92
C ASP B 54 -21.11 23.69 -20.19
N GLN B 55 -21.68 24.89 -20.25
CA GLN B 55 -22.94 25.15 -19.56
C GLN B 55 -24.09 24.37 -20.17
N VAL B 56 -24.03 24.09 -21.48
CA VAL B 56 -25.11 23.35 -22.14
C VAL B 56 -25.23 21.95 -21.56
N THR B 57 -24.14 21.38 -21.06
CA THR B 57 -24.20 20.06 -20.45
C THR B 57 -24.99 20.10 -19.15
N LYS B 58 -24.73 21.11 -18.30
CA LYS B 58 -25.47 21.23 -17.06
C LYS B 58 -26.94 21.54 -17.31
N ASP B 59 -27.23 22.37 -18.31
CA ASP B 59 -28.62 22.67 -18.65
C ASP B 59 -29.36 21.44 -19.13
N ALA B 60 -28.69 20.60 -19.94
CA ALA B 60 -29.33 19.37 -20.39
C ALA B 60 -29.61 18.44 -19.23
N ALA B 61 -28.66 18.31 -18.29
CA ALA B 61 -28.87 17.45 -17.13
C ALA B 61 -30.03 17.94 -16.28
N GLU B 62 -30.21 19.26 -16.17
CA GLU B 62 -31.32 19.80 -15.40
C GLU B 62 -32.66 19.59 -16.11
N ALA B 63 -32.66 19.66 -17.45
CA ALA B 63 -33.89 19.38 -18.19
C ALA B 63 -34.34 17.94 -18.00
N ILE B 64 -33.40 17.01 -17.85
CA ILE B 64 -33.76 15.61 -17.59
C ILE B 64 -34.50 15.49 -16.27
N LYS B 65 -34.09 16.28 -15.27
CA LYS B 65 -34.82 16.30 -14.00
C LYS B 65 -36.28 16.70 -14.20
N LYS B 66 -36.52 17.67 -15.10
CA LYS B 66 -37.84 18.26 -15.20
C LYS B 66 -38.78 17.43 -16.07
N HIS B 67 -38.26 16.74 -17.08
CA HIS B 67 -39.09 15.97 -18.00
C HIS B 67 -38.95 14.46 -17.87
N ASN B 68 -38.00 13.98 -17.05
CA ASN B 68 -37.91 12.59 -16.60
C ASN B 68 -37.38 11.63 -17.66
N VAL B 69 -37.19 12.07 -18.90
CA VAL B 69 -36.69 11.18 -19.95
C VAL B 69 -35.70 11.94 -20.83
N GLY B 70 -34.52 11.36 -21.01
CA GLY B 70 -33.52 11.95 -21.89
C GLY B 70 -32.82 10.87 -22.68
N VAL B 71 -32.47 11.22 -23.92
CA VAL B 71 -31.74 10.34 -24.82
C VAL B 71 -30.46 11.04 -25.24
N LYS B 72 -29.33 10.38 -25.06
CA LYS B 72 -28.03 11.01 -25.25
C LYS B 72 -27.25 10.33 -26.38
N CYS B 73 -26.72 11.14 -27.28
CA CYS B 73 -25.79 10.69 -28.29
C CYS B 73 -24.36 10.66 -27.71
N ALA B 74 -23.52 9.81 -28.29
CA ALA B 74 -22.15 9.70 -27.80
C ALA B 74 -21.39 11.00 -28.04
N THR B 75 -20.56 11.38 -27.08
CA THR B 75 -19.87 12.66 -27.08
C THR B 75 -18.38 12.46 -26.90
N ILE B 76 -17.62 13.49 -27.29
CA ILE B 76 -16.17 13.50 -27.15
C ILE B 76 -15.81 13.98 -25.74
N THR B 77 -14.96 13.23 -25.06
CA THR B 77 -14.33 13.72 -23.83
C THR B 77 -12.94 14.21 -24.20
N PRO B 78 -12.71 15.52 -24.21
CA PRO B 78 -11.47 16.04 -24.78
C PRO B 78 -10.26 15.79 -23.89
N ASP B 79 -9.09 15.68 -24.54
CA ASP B 79 -7.81 15.61 -23.86
C ASP B 79 -6.83 16.48 -24.66
N GLU B 80 -5.54 16.26 -24.44
CA GLU B 80 -4.51 17.10 -25.05
C GLU B 80 -4.63 17.11 -26.57
N LYS B 81 -4.78 15.93 -27.18
CA LYS B 81 -4.92 15.85 -28.63
C LYS B 81 -6.22 16.48 -29.10
N ARG B 82 -7.29 16.37 -28.30
CA ARG B 82 -8.57 16.94 -28.71
C ARG B 82 -8.57 18.46 -28.54
N VAL B 83 -7.90 18.98 -27.52
CA VAL B 83 -7.85 20.42 -27.30
C VAL B 83 -7.21 21.12 -28.49
N GLU B 84 -6.05 20.62 -28.93
CA GLU B 84 -5.38 21.19 -30.09
C GLU B 84 -6.22 21.02 -31.36
N GLU B 85 -7.01 19.95 -31.44
CA GLU B 85 -7.80 19.71 -32.64
C GLU B 85 -8.87 20.79 -32.82
N PHE B 86 -9.73 20.96 -31.83
CA PHE B 86 -10.83 21.91 -31.92
C PHE B 86 -10.47 23.30 -31.39
N LYS B 87 -9.21 23.52 -31.00
CA LYS B 87 -8.77 24.79 -30.41
C LYS B 87 -9.66 25.18 -29.22
N LEU B 88 -9.74 24.25 -28.27
CA LEU B 88 -10.66 24.40 -27.14
C LEU B 88 -10.09 25.36 -26.10
N LYS B 89 -10.99 26.01 -25.38
CA LYS B 89 -10.58 26.89 -24.28
C LYS B 89 -9.99 26.07 -23.13
N GLN B 90 -10.70 25.04 -22.70
CA GLN B 90 -10.27 24.18 -21.61
C GLN B 90 -10.44 22.73 -22.02
N MET B 91 -9.81 21.84 -21.24
CA MET B 91 -9.96 20.40 -21.43
C MET B 91 -11.20 19.96 -20.66
N TRP B 92 -12.36 20.16 -21.30
CA TRP B 92 -13.64 20.03 -20.62
C TRP B 92 -13.82 18.63 -20.02
N LYS B 93 -14.49 18.57 -18.89
CA LYS B 93 -14.79 17.31 -18.24
C LYS B 93 -15.75 16.49 -19.08
N SER B 94 -15.85 15.21 -18.76
CA SER B 94 -16.72 14.30 -19.49
C SER B 94 -18.17 14.75 -19.36
N PRO B 95 -18.91 14.86 -20.47
CA PRO B 95 -20.35 15.15 -20.35
C PRO B 95 -21.10 14.10 -19.57
N ASN B 96 -20.72 12.83 -19.70
CA ASN B 96 -21.39 11.77 -18.95
C ASN B 96 -21.07 11.86 -17.47
N GLY B 97 -19.82 12.20 -17.12
CA GLY B 97 -19.47 12.38 -15.73
C GLY B 97 -20.23 13.51 -15.06
N THR B 98 -20.54 14.56 -15.82
CA THR B 98 -21.29 15.69 -15.27
C THR B 98 -22.77 15.35 -15.13
N ILE B 99 -23.35 14.75 -16.17
CA ILE B 99 -24.78 14.43 -16.14
C ILE B 99 -25.07 13.38 -15.07
N ARG B 100 -24.19 12.36 -14.96
CA ARG B 100 -24.37 11.35 -13.91
C ARG B 100 -24.18 11.95 -12.53
N ASN B 101 -23.22 12.86 -12.37
CA ASN B 101 -23.00 13.48 -11.07
C ASN B 101 -24.19 14.32 -10.64
N ILE B 102 -24.96 14.85 -11.60
CA ILE B 102 -26.13 15.66 -11.29
C ILE B 102 -27.36 14.80 -11.05
N LEU B 103 -27.54 13.74 -11.85
CA LEU B 103 -28.76 12.94 -11.75
C LEU B 103 -28.65 11.86 -10.69
N GLY B 104 -27.47 11.28 -10.52
CA GLY B 104 -27.29 10.13 -9.65
C GLY B 104 -28.04 8.91 -10.18
N GLY B 105 -27.93 7.83 -9.43
CA GLY B 105 -28.61 6.60 -9.74
C GLY B 105 -27.68 5.52 -10.24
N THR B 106 -28.28 4.51 -10.87
CA THR B 106 -27.57 3.33 -11.34
C THR B 106 -27.71 3.22 -12.86
N VAL B 107 -26.58 2.99 -13.53
CA VAL B 107 -26.56 2.77 -14.97
C VAL B 107 -26.60 1.27 -15.22
N PHE B 108 -27.71 0.78 -15.76
CA PHE B 108 -27.86 -0.63 -16.07
C PHE B 108 -27.48 -0.89 -17.52
N ARG B 109 -26.55 -1.81 -17.73
CA ARG B 109 -26.04 -2.13 -19.05
C ARG B 109 -26.22 -3.61 -19.34
N GLU B 110 -26.65 -3.91 -20.57
CA GLU B 110 -27.00 -5.26 -20.97
C GLU B 110 -26.76 -5.41 -22.47
N ALA B 111 -26.39 -6.60 -22.89
CA ALA B 111 -26.10 -6.86 -24.29
C ALA B 111 -27.38 -6.92 -25.12
N ILE B 112 -27.28 -6.48 -26.37
CA ILE B 112 -28.36 -6.61 -27.34
C ILE B 112 -28.09 -7.90 -28.11
N ILE B 113 -28.92 -8.92 -27.87
CA ILE B 113 -28.63 -10.28 -28.30
C ILE B 113 -29.30 -10.54 -29.65
N CYS B 114 -28.51 -11.04 -30.60
CA CYS B 114 -29.01 -11.55 -31.87
C CYS B 114 -28.62 -13.01 -31.97
N LYS B 115 -29.58 -13.85 -32.39
CA LYS B 115 -29.37 -15.30 -32.37
C LYS B 115 -28.27 -15.75 -33.30
N ASN B 116 -27.90 -14.95 -34.30
CA ASN B 116 -26.90 -15.34 -35.28
C ASN B 116 -25.55 -14.64 -35.07
N ILE B 117 -25.34 -14.02 -33.92
CA ILE B 117 -24.06 -13.37 -33.58
C ILE B 117 -23.29 -14.31 -32.66
N PRO B 118 -22.05 -14.66 -32.98
CA PRO B 118 -21.30 -15.58 -32.13
C PRO B 118 -20.72 -14.90 -30.90
N ARG B 119 -20.83 -15.58 -29.76
CA ARG B 119 -20.28 -15.09 -28.51
C ARG B 119 -18.82 -15.51 -28.38
N LEU B 120 -18.01 -14.62 -27.82
CA LEU B 120 -16.62 -14.97 -27.52
C LEU B 120 -16.54 -15.87 -26.30
N VAL B 121 -17.48 -15.74 -25.37
CA VAL B 121 -17.59 -16.62 -24.21
C VAL B 121 -18.74 -17.56 -24.47
N SER B 122 -18.44 -18.85 -24.59
CA SER B 122 -19.44 -19.82 -25.07
C SER B 122 -20.47 -20.12 -23.98
N GLY B 123 -20.05 -20.20 -22.72
CA GLY B 123 -20.96 -20.57 -21.65
C GLY B 123 -22.07 -19.57 -21.41
N TRP B 124 -21.88 -18.31 -21.78
CA TRP B 124 -22.85 -17.26 -21.50
C TRP B 124 -24.14 -17.48 -22.26
N VAL B 125 -24.96 -18.44 -21.82
CA VAL B 125 -26.22 -18.70 -22.50
C VAL B 125 -27.32 -17.78 -21.98
N LYS B 126 -27.26 -17.38 -20.71
CA LYS B 126 -28.18 -16.42 -20.14
C LYS B 126 -27.54 -15.04 -20.07
N PRO B 127 -28.31 -13.97 -20.20
CA PRO B 127 -27.71 -12.63 -20.23
C PRO B 127 -27.25 -12.15 -18.87
N ILE B 128 -26.17 -11.36 -18.89
CA ILE B 128 -25.61 -10.73 -17.71
C ILE B 128 -26.00 -9.26 -17.72
N ILE B 129 -26.40 -8.74 -16.57
CA ILE B 129 -26.80 -7.35 -16.41
C ILE B 129 -25.90 -6.70 -15.37
N ILE B 130 -25.25 -5.59 -15.74
CA ILE B 130 -24.35 -4.87 -14.85
C ILE B 130 -25.06 -3.62 -14.34
N GLY B 131 -25.07 -3.45 -13.02
CA GLY B 131 -25.53 -2.23 -12.41
C GLY B 131 -24.36 -1.36 -12.01
N CYS B 132 -24.16 -0.25 -12.69
N CYS B 132 -24.17 -0.25 -12.71
CA CYS B 132 -23.01 0.63 -12.46
CA CYS B 132 -23.04 0.65 -12.47
C CYS B 132 -23.41 1.78 -11.56
C CYS B 132 -23.46 1.76 -11.53
N HIS B 133 -22.74 1.89 -10.42
CA HIS B 133 -22.93 3.02 -9.52
C HIS B 133 -22.40 4.27 -10.21
N ALA B 134 -23.29 5.20 -10.55
CA ALA B 134 -22.96 6.33 -11.41
C ALA B 134 -22.42 7.53 -10.64
N TYR B 135 -21.95 7.35 -9.41
CA TYR B 135 -21.58 8.48 -8.57
C TYR B 135 -20.28 8.19 -7.82
N GLY B 136 -19.36 9.16 -7.87
CA GLY B 136 -18.19 9.13 -7.00
C GLY B 136 -17.01 8.35 -7.56
N ASP B 137 -16.09 8.05 -6.64
CA ASP B 137 -14.87 7.26 -6.91
C ASP B 137 -13.99 8.04 -7.88
N GLN B 138 -13.29 7.35 -8.79
CA GLN B 138 -12.35 8.03 -9.68
C GLN B 138 -13.04 9.01 -10.62
N TYR B 139 -14.33 8.85 -10.85
CA TYR B 139 -15.05 9.67 -11.82
C TYR B 139 -15.66 10.92 -11.21
N ARG B 140 -15.27 11.27 -9.98
CA ARG B 140 -15.62 12.54 -9.36
C ARG B 140 -14.55 12.92 -8.35
N ALA B 141 -13.29 12.67 -8.70
CA ALA B 141 -12.18 12.76 -7.78
C ALA B 141 -11.35 14.01 -8.05
N THR B 142 -10.37 14.22 -7.18
CA THR B 142 -9.46 15.37 -7.26
C THR B 142 -8.04 14.82 -7.37
N ASP B 143 -7.47 14.86 -8.56
CA ASP B 143 -6.14 14.36 -8.82
C ASP B 143 -5.23 15.50 -9.26
N PHE B 144 -3.94 15.37 -8.94
CA PHE B 144 -2.98 16.42 -9.25
C PHE B 144 -1.59 15.83 -9.33
N VAL B 145 -0.67 16.60 -9.90
CA VAL B 145 0.73 16.21 -10.01
C VAL B 145 1.48 16.78 -8.82
N VAL B 146 2.30 15.94 -8.19
CA VAL B 146 3.18 16.37 -7.11
C VAL B 146 4.48 16.85 -7.73
N PRO B 147 4.80 18.15 -7.66
CA PRO B 147 5.97 18.65 -8.40
C PRO B 147 7.30 18.20 -7.83
N GLY B 148 7.38 17.93 -6.52
CA GLY B 148 8.62 17.52 -5.92
C GLY B 148 8.44 16.97 -4.52
N PRO B 149 9.53 16.89 -3.77
CA PRO B 149 9.44 16.33 -2.41
C PRO B 149 8.52 17.16 -1.52
N GLY B 150 7.85 16.46 -0.63
CA GLY B 150 6.92 17.11 0.29
C GLY B 150 5.91 16.11 0.82
N LYS B 151 5.03 16.63 1.67
CA LYS B 151 3.99 15.82 2.29
C LYS B 151 2.66 15.99 1.56
N VAL B 152 1.98 14.88 1.34
CA VAL B 152 0.60 14.86 0.88
C VAL B 152 -0.25 14.29 2.02
N GLU B 153 -1.20 15.09 2.49
CA GLU B 153 -2.07 14.69 3.59
C GLU B 153 -3.52 14.80 3.15
N ILE B 154 -4.38 14.00 3.80
CA ILE B 154 -5.82 14.09 3.61
C ILE B 154 -6.46 14.28 4.98
N THR B 155 -7.40 15.21 5.07
CA THR B 155 -7.97 15.62 6.34
C THR B 155 -9.49 15.62 6.27
N TYR B 156 -10.12 15.38 7.42
CA TYR B 156 -11.57 15.46 7.56
C TYR B 156 -11.90 16.40 8.70
N THR B 157 -12.56 17.51 8.38
CA THR B 157 -12.97 18.47 9.40
C THR B 157 -14.48 18.38 9.59
N PRO B 158 -14.97 17.86 10.71
CA PRO B 158 -16.42 17.78 10.92
C PRO B 158 -17.03 19.16 11.07
N SER B 159 -18.22 19.32 10.51
CA SER B 159 -18.94 20.58 10.68
C SER B 159 -19.50 20.71 12.09
N ASP B 160 -19.93 19.60 12.69
CA ASP B 160 -20.45 19.58 14.06
C ASP B 160 -19.95 18.28 14.72
N GLY B 161 -18.75 18.35 15.28
CA GLY B 161 -18.16 17.19 15.92
C GLY B 161 -16.74 17.52 16.36
N THR B 162 -16.16 16.57 17.08
CA THR B 162 -14.81 16.71 17.64
C THR B 162 -13.92 15.62 17.04
N GLN B 163 -13.51 15.83 15.79
CA GLN B 163 -12.66 14.87 15.10
C GLN B 163 -12.00 15.46 13.86
N LYS B 164 -11.21 16.51 14.04
CA LYS B 164 -10.43 17.07 12.94
C LYS B 164 -9.23 16.15 12.72
N VAL B 165 -9.42 15.12 11.91
CA VAL B 165 -8.44 14.05 11.73
C VAL B 165 -7.60 14.33 10.49
N THR B 166 -6.30 14.12 10.62
CA THR B 166 -5.36 14.24 9.51
C THR B 166 -4.67 12.90 9.29
N TYR B 167 -4.69 12.42 8.05
CA TYR B 167 -4.00 11.18 7.67
C TYR B 167 -2.89 11.52 6.69
N LEU B 168 -1.71 10.94 6.90
CA LEU B 168 -0.62 11.09 5.96
C LEU B 168 -0.86 10.17 4.77
N VAL B 169 -1.04 10.75 3.58
CA VAL B 169 -1.16 9.94 2.37
C VAL B 169 0.21 9.40 1.96
N HIS B 170 1.18 10.29 1.78
CA HIS B 170 2.53 9.90 1.44
C HIS B 170 3.47 11.08 1.67
N ASN B 171 4.71 10.77 2.01
CA ASN B 171 5.77 11.76 2.15
C ASN B 171 6.78 11.51 1.03
N PHE B 172 6.72 12.33 -0.01
CA PHE B 172 7.66 12.23 -1.12
C PHE B 172 9.03 12.69 -0.64
N GLU B 173 9.98 11.75 -0.56
CA GLU B 173 11.33 12.08 -0.12
C GLU B 173 12.30 12.28 -1.28
N GLU B 174 12.05 11.63 -2.41
CA GLU B 174 12.89 11.78 -3.60
C GLU B 174 11.99 11.96 -4.81
N GLY B 175 12.17 13.08 -5.52
CA GLY B 175 11.40 13.34 -6.71
C GLY B 175 9.93 13.65 -6.41
N GLY B 176 9.16 13.71 -7.49
CA GLY B 176 7.74 13.98 -7.38
C GLY B 176 6.87 12.78 -7.72
N GLY B 177 5.68 13.04 -8.25
CA GLY B 177 4.75 11.99 -8.61
C GLY B 177 3.34 12.49 -8.80
N VAL B 178 2.35 11.71 -8.38
CA VAL B 178 0.95 12.08 -8.47
C VAL B 178 0.22 11.63 -7.21
N ALA B 179 -0.92 12.27 -6.96
CA ALA B 179 -1.76 11.94 -5.83
C ALA B 179 -3.20 12.29 -6.19
N MET B 180 -4.14 11.69 -5.46
CA MET B 180 -5.54 11.96 -5.72
C MET B 180 -6.36 11.64 -4.49
N GLY B 181 -7.49 12.33 -4.37
CA GLY B 181 -8.47 12.05 -3.33
C GLY B 181 -9.82 11.80 -3.98
N MET B 182 -10.53 10.79 -3.47
CA MET B 182 -11.86 10.46 -3.97
C MET B 182 -12.75 10.12 -2.78
N TYR B 183 -14.05 10.08 -3.04
CA TYR B 183 -15.03 9.93 -1.98
C TYR B 183 -16.25 9.19 -2.52
N ASN B 184 -17.14 8.81 -1.60
CA ASN B 184 -18.48 8.39 -1.95
C ASN B 184 -19.39 8.66 -0.76
N GLN B 185 -20.69 8.59 -1.00
CA GLN B 185 -21.70 9.06 -0.07
C GLN B 185 -22.61 7.92 0.36
N ASP B 186 -22.93 7.88 1.65
CA ASP B 186 -23.76 6.80 2.20
C ASP B 186 -25.11 6.72 1.49
N LYS B 187 -25.79 7.87 1.35
CA LYS B 187 -27.11 7.87 0.72
C LYS B 187 -27.04 7.37 -0.71
N SER B 188 -25.98 7.74 -1.44
CA SER B 188 -25.85 7.27 -2.81
C SER B 188 -25.57 5.77 -2.86
N ILE B 189 -24.77 5.27 -1.92
CA ILE B 189 -24.51 3.83 -1.87
C ILE B 189 -25.79 3.07 -1.53
N GLU B 190 -26.62 3.64 -0.66
CA GLU B 190 -27.88 2.99 -0.29
C GLU B 190 -28.82 2.89 -1.48
N ASP B 191 -28.99 4.00 -2.22
CA ASP B 191 -29.79 3.96 -3.44
C ASP B 191 -29.20 2.99 -4.45
N PHE B 192 -27.88 2.88 -4.51
CA PHE B 192 -27.25 1.89 -5.36
C PHE B 192 -27.57 0.47 -4.91
N ALA B 193 -27.71 0.27 -3.59
CA ALA B 193 -28.04 -1.06 -3.08
C ALA B 193 -29.47 -1.43 -3.44
N HIS B 194 -30.42 -0.52 -3.21
CA HIS B 194 -31.82 -0.81 -3.51
C HIS B 194 -32.02 -1.07 -5.00
N SER B 195 -31.36 -0.29 -5.86
CA SER B 195 -31.50 -0.49 -7.29
C SER B 195 -31.01 -1.87 -7.71
N SER B 196 -29.96 -2.37 -7.05
CA SER B 196 -29.44 -3.69 -7.38
C SER B 196 -30.38 -4.80 -6.91
N PHE B 197 -30.89 -4.68 -5.68
CA PHE B 197 -31.79 -5.70 -5.14
C PHE B 197 -33.09 -5.75 -5.94
N GLN B 198 -33.64 -4.58 -6.29
CA GLN B 198 -34.91 -4.55 -7.00
C GLN B 198 -34.77 -5.07 -8.43
N MET B 199 -33.63 -4.81 -9.08
CA MET B 199 -33.42 -5.32 -10.42
C MET B 199 -33.30 -6.84 -10.41
N ALA B 200 -32.66 -7.40 -9.38
CA ALA B 200 -32.53 -8.85 -9.30
C ALA B 200 -33.88 -9.52 -9.08
N LEU B 201 -34.78 -8.87 -8.34
CA LEU B 201 -36.10 -9.45 -8.10
C LEU B 201 -37.02 -9.32 -9.31
N SER B 202 -36.82 -8.29 -10.13
CA SER B 202 -37.64 -8.13 -11.34
C SER B 202 -37.16 -9.02 -12.47
N LYS B 203 -35.93 -9.51 -12.41
CA LYS B 203 -35.40 -10.42 -13.42
C LYS B 203 -35.34 -11.87 -12.96
N GLY B 204 -35.46 -12.11 -11.65
CA GLY B 204 -35.40 -13.47 -11.14
C GLY B 204 -34.03 -14.11 -11.17
N TRP B 205 -32.99 -13.33 -10.94
CA TRP B 205 -31.60 -13.79 -10.97
C TRP B 205 -30.91 -13.42 -9.67
N PRO B 206 -29.86 -14.14 -9.30
CA PRO B 206 -29.06 -13.74 -8.14
C PRO B 206 -28.28 -12.46 -8.43
N LEU B 207 -27.85 -11.81 -7.35
CA LEU B 207 -27.11 -10.57 -7.42
C LEU B 207 -25.74 -10.73 -6.77
N TYR B 208 -24.72 -10.13 -7.39
CA TYR B 208 -23.37 -10.14 -6.85
C TYR B 208 -22.84 -8.72 -6.80
N LEU B 209 -22.18 -8.38 -5.70
CA LEU B 209 -21.49 -7.11 -5.55
C LEU B 209 -19.98 -7.35 -5.53
N SER B 210 -19.24 -6.57 -6.29
CA SER B 210 -17.79 -6.69 -6.40
C SER B 210 -17.14 -5.47 -5.77
N THR B 211 -16.28 -5.69 -4.78
CA THR B 211 -15.41 -4.67 -4.22
C THR B 211 -14.02 -5.27 -4.06
N LYS B 212 -13.15 -4.53 -3.36
CA LYS B 212 -11.84 -5.03 -2.97
C LYS B 212 -11.64 -4.70 -1.48
N ASN B 213 -12.56 -5.18 -0.65
CA ASN B 213 -12.59 -4.79 0.75
C ASN B 213 -11.46 -5.41 1.57
N THR B 214 -10.81 -6.46 1.06
CA THR B 214 -9.67 -7.02 1.78
C THR B 214 -8.49 -6.05 1.79
N ILE B 215 -8.42 -5.18 0.79
CA ILE B 215 -7.36 -4.16 0.72
C ILE B 215 -7.89 -2.79 1.13
N LEU B 216 -9.02 -2.36 0.55
CA LEU B 216 -9.67 -1.12 0.94
C LEU B 216 -10.70 -1.46 2.02
N LYS B 217 -10.21 -1.66 3.24
CA LYS B 217 -11.04 -2.19 4.31
C LYS B 217 -12.15 -1.21 4.69
N LYS B 218 -11.84 0.08 4.74
CA LYS B 218 -12.83 1.08 5.13
C LYS B 218 -13.65 1.58 3.95
N TYR B 219 -12.99 1.92 2.85
CA TYR B 219 -13.69 2.47 1.68
C TYR B 219 -14.64 1.45 1.08
N ASP B 220 -14.12 0.26 0.74
CA ASP B 220 -14.96 -0.77 0.13
C ASP B 220 -15.76 -1.55 1.17
N GLY B 221 -15.32 -1.59 2.43
CA GLY B 221 -16.12 -2.23 3.46
C GLY B 221 -17.47 -1.56 3.65
N ARG B 222 -17.53 -0.24 3.41
CA ARG B 222 -18.80 0.47 3.53
C ARG B 222 -19.80 -0.01 2.49
N PHE B 223 -19.34 -0.23 1.25
CA PHE B 223 -20.22 -0.79 0.23
C PHE B 223 -20.76 -2.15 0.66
N LYS B 224 -19.87 -3.03 1.13
CA LYS B 224 -20.27 -4.37 1.53
C LYS B 224 -21.19 -4.35 2.75
N ASP B 225 -20.91 -3.46 3.70
CA ASP B 225 -21.74 -3.41 4.91
C ASP B 225 -23.13 -2.86 4.60
N ILE B 226 -23.20 -1.81 3.78
CA ILE B 226 -24.50 -1.23 3.45
C ILE B 226 -25.33 -2.21 2.63
N PHE B 227 -24.71 -2.89 1.66
CA PHE B 227 -25.43 -3.88 0.88
C PHE B 227 -25.95 -5.02 1.75
N GLN B 228 -25.11 -5.52 2.66
CA GLN B 228 -25.52 -6.64 3.50
C GLN B 228 -26.59 -6.23 4.52
N GLU B 229 -26.53 -4.99 5.00
CA GLU B 229 -27.52 -4.54 5.98
C GLU B 229 -28.89 -4.35 5.33
N ILE B 230 -28.92 -3.71 4.16
CA ILE B 230 -30.18 -3.54 3.45
C ILE B 230 -30.75 -4.88 3.00
N TYR B 231 -29.86 -5.83 2.66
CA TYR B 231 -30.32 -7.14 2.21
C TYR B 231 -31.01 -7.90 3.35
N ASP B 232 -30.34 -8.00 4.50
CA ASP B 232 -30.89 -8.78 5.61
C ASP B 232 -32.19 -8.17 6.14
N LYS B 233 -32.36 -6.86 6.00
CA LYS B 233 -33.51 -6.20 6.59
C LYS B 233 -34.70 -6.09 5.64
N GLN B 234 -34.47 -5.89 4.34
CA GLN B 234 -35.53 -5.52 3.43
C GLN B 234 -35.67 -6.42 2.20
N TYR B 235 -34.77 -7.36 1.96
CA TYR B 235 -34.83 -8.14 0.72
C TYR B 235 -34.52 -9.62 0.85
N LYS B 236 -34.05 -10.10 2.00
CA LYS B 236 -33.61 -11.50 2.07
C LYS B 236 -34.78 -12.46 1.93
N SER B 237 -35.95 -12.10 2.47
CA SER B 237 -37.10 -12.98 2.37
C SER B 237 -37.59 -13.09 0.93
N GLN B 238 -37.57 -11.98 0.19
CA GLN B 238 -38.02 -12.02 -1.20
C GLN B 238 -37.03 -12.79 -2.08
N PHE B 239 -35.74 -12.68 -1.79
CA PHE B 239 -34.74 -13.44 -2.54
C PHE B 239 -34.93 -14.93 -2.33
N GLU B 240 -35.18 -15.35 -1.09
CA GLU B 240 -35.40 -16.77 -0.81
C GLU B 240 -36.69 -17.28 -1.42
N ALA B 241 -37.69 -16.41 -1.57
CA ALA B 241 -38.96 -16.83 -2.16
C ALA B 241 -38.77 -17.23 -3.62
N GLN B 242 -38.03 -16.43 -4.39
CA GLN B 242 -37.76 -16.73 -5.78
C GLN B 242 -36.54 -17.64 -5.97
N LYS B 243 -36.01 -18.19 -4.88
CA LYS B 243 -34.88 -19.11 -4.93
C LYS B 243 -33.65 -18.47 -5.57
N ILE B 244 -33.45 -17.17 -5.29
CA ILE B 244 -32.24 -16.48 -5.71
C ILE B 244 -31.49 -16.04 -4.46
N TRP B 245 -30.35 -15.36 -4.65
CA TRP B 245 -29.50 -15.00 -3.52
C TRP B 245 -28.69 -13.77 -3.86
N TYR B 246 -28.13 -13.15 -2.83
CA TYR B 246 -27.15 -12.09 -2.98
C TYR B 246 -25.88 -12.46 -2.22
N GLU B 247 -24.73 -12.26 -2.84
CA GLU B 247 -23.45 -12.53 -2.20
C GLU B 247 -22.44 -11.49 -2.65
N HIS B 248 -21.49 -11.20 -1.77
CA HIS B 248 -20.39 -10.28 -2.08
C HIS B 248 -19.20 -11.06 -2.61
N ARG B 249 -18.51 -10.47 -3.57
CA ARG B 249 -17.33 -11.08 -4.17
C ARG B 249 -16.23 -10.04 -4.30
N LEU B 250 -14.98 -10.51 -4.24
CA LEU B 250 -13.87 -9.66 -4.62
C LEU B 250 -13.86 -9.46 -6.13
N ILE B 251 -13.40 -8.28 -6.55
CA ILE B 251 -13.54 -7.90 -7.95
C ILE B 251 -12.77 -8.85 -8.87
N ASP B 252 -11.54 -9.20 -8.47
CA ASP B 252 -10.75 -10.10 -9.31
C ASP B 252 -11.33 -11.50 -9.32
N ASP B 253 -11.86 -11.96 -8.18
CA ASP B 253 -12.57 -13.24 -8.18
C ASP B 253 -13.86 -13.16 -8.99
N MET B 254 -14.49 -11.98 -9.05
CA MET B 254 -15.79 -11.85 -9.70
C MET B 254 -15.66 -11.92 -11.21
N VAL B 255 -14.62 -11.31 -11.77
N VAL B 255 -14.61 -11.32 -11.78
CA VAL B 255 -14.41 -11.35 -13.21
CA VAL B 255 -14.45 -11.35 -13.23
C VAL B 255 -14.16 -12.77 -13.67
C VAL B 255 -14.12 -12.77 -13.70
N ALA B 256 -13.34 -13.52 -12.92
CA ALA B 256 -13.07 -14.91 -13.27
C ALA B 256 -14.31 -15.77 -13.10
N GLN B 257 -15.11 -15.49 -12.06
CA GLN B 257 -16.35 -16.23 -11.86
C GLN B 257 -17.33 -15.95 -13.00
N ALA B 258 -17.47 -14.68 -13.39
CA ALA B 258 -18.36 -14.34 -14.49
C ALA B 258 -17.88 -14.93 -15.81
N MET B 259 -16.56 -14.88 -16.05
CA MET B 259 -16.01 -15.47 -17.26
C MET B 259 -16.29 -16.97 -17.35
N LYS B 260 -16.33 -17.65 -16.20
CA LYS B 260 -16.52 -19.09 -16.15
C LYS B 260 -17.97 -19.50 -15.96
N SER B 261 -18.90 -18.54 -15.89
CA SER B 261 -20.28 -18.83 -15.56
C SER B 261 -21.10 -19.08 -16.83
N GLU B 262 -22.41 -19.18 -16.68
CA GLU B 262 -23.34 -19.30 -17.80
C GLU B 262 -24.32 -18.13 -17.82
N GLY B 263 -23.92 -17.00 -17.25
CA GLY B 263 -24.76 -15.82 -17.22
C GLY B 263 -25.94 -15.99 -16.28
N GLY B 264 -26.88 -15.05 -16.41
CA GLY B 264 -28.10 -15.09 -15.63
C GLY B 264 -27.93 -14.57 -14.21
N PHE B 265 -27.40 -13.36 -14.07
CA PHE B 265 -27.24 -12.74 -12.77
C PHE B 265 -27.12 -11.24 -12.94
N ILE B 266 -27.20 -10.53 -11.82
CA ILE B 266 -27.00 -9.09 -11.77
C ILE B 266 -25.64 -8.83 -11.13
N TRP B 267 -24.87 -7.93 -11.73
CA TRP B 267 -23.51 -7.63 -11.29
C TRP B 267 -23.47 -6.18 -10.83
N ALA B 268 -23.56 -5.96 -9.52
CA ALA B 268 -23.43 -4.63 -8.95
C ALA B 268 -21.95 -4.22 -8.98
N CYS B 269 -21.65 -3.14 -9.70
CA CYS B 269 -20.28 -2.70 -9.90
C CYS B 269 -20.09 -1.29 -9.38
N LYS B 270 -18.95 -1.04 -8.74
CA LYS B 270 -18.55 0.31 -8.42
C LYS B 270 -18.33 1.11 -9.70
N ASN B 271 -18.20 2.42 -9.54
CA ASN B 271 -18.21 3.33 -10.68
C ASN B 271 -17.14 2.97 -11.70
N TYR B 272 -15.90 2.74 -11.23
CA TYR B 272 -14.81 2.43 -12.15
C TYR B 272 -14.97 1.04 -12.74
N ASP B 273 -15.31 0.06 -11.92
CA ASP B 273 -15.48 -1.31 -12.42
C ASP B 273 -16.64 -1.40 -13.38
N GLY B 274 -17.71 -0.64 -13.14
CA GLY B 274 -18.84 -0.64 -14.06
C GLY B 274 -18.45 -0.17 -15.44
N ASP B 275 -17.54 0.80 -15.52
CA ASP B 275 -17.05 1.25 -16.82
C ASP B 275 -16.22 0.15 -17.50
N VAL B 276 -15.27 -0.44 -16.77
CA VAL B 276 -14.35 -1.39 -17.38
C VAL B 276 -15.06 -2.69 -17.73
N GLN B 277 -15.85 -3.24 -16.80
CA GLN B 277 -16.42 -4.56 -16.99
C GLN B 277 -17.61 -4.58 -17.94
N SER B 278 -18.30 -3.45 -18.12
CA SER B 278 -19.41 -3.44 -19.06
C SER B 278 -18.93 -3.62 -20.50
N ASP B 279 -17.72 -3.14 -20.81
CA ASP B 279 -17.14 -3.45 -22.12
C ASP B 279 -16.63 -4.89 -22.17
N PHE B 280 -16.19 -5.42 -21.02
CA PHE B 280 -15.82 -6.83 -20.96
C PHE B 280 -17.02 -7.72 -21.27
N VAL B 281 -18.18 -7.38 -20.73
CA VAL B 281 -19.39 -8.17 -20.96
C VAL B 281 -19.86 -8.02 -22.41
N ALA B 282 -19.90 -6.78 -22.90
CA ALA B 282 -20.43 -6.52 -24.24
C ALA B 282 -19.58 -7.21 -25.31
N GLN B 283 -18.25 -7.10 -25.20
CA GLN B 283 -17.38 -7.75 -26.17
C GLN B 283 -17.48 -9.26 -26.07
N GLY B 284 -17.71 -9.80 -24.87
CA GLY B 284 -17.85 -11.23 -24.71
C GLY B 284 -19.10 -11.79 -25.38
N TYR B 285 -20.18 -11.00 -25.41
CA TYR B 285 -21.40 -11.42 -26.07
C TYR B 285 -21.38 -11.23 -27.58
N GLY B 286 -20.30 -10.65 -28.13
CA GLY B 286 -20.18 -10.53 -29.57
C GLY B 286 -19.56 -9.26 -30.06
N SER B 287 -20.24 -8.13 -29.87
CA SER B 287 -19.82 -6.84 -30.40
C SER B 287 -19.87 -5.79 -29.30
N LEU B 288 -18.84 -4.94 -29.26
CA LEU B 288 -18.74 -3.91 -28.23
C LEU B 288 -19.83 -2.85 -28.37
N GLY B 289 -20.44 -2.73 -29.55
CA GLY B 289 -21.45 -1.71 -29.77
C GLY B 289 -22.87 -2.23 -29.84
N MET B 290 -23.11 -3.41 -29.27
CA MET B 290 -24.43 -4.00 -29.17
C MET B 290 -24.81 -4.10 -27.69
N MET B 291 -25.06 -2.95 -27.07
CA MET B 291 -25.32 -2.89 -25.64
C MET B 291 -26.18 -1.67 -25.32
N THR B 292 -27.16 -1.86 -24.44
CA THR B 292 -27.97 -0.76 -23.94
C THR B 292 -27.35 -0.21 -22.66
N SER B 293 -27.56 1.08 -22.43
CA SER B 293 -27.03 1.76 -21.24
C SER B 293 -28.05 2.79 -20.80
N VAL B 294 -28.71 2.52 -19.67
CA VAL B 294 -29.78 3.38 -19.17
C VAL B 294 -29.47 3.75 -17.72
N LEU B 295 -29.40 5.05 -17.45
CA LEU B 295 -29.26 5.53 -16.08
C LEU B 295 -30.64 5.65 -15.44
N VAL B 296 -30.85 4.91 -14.37
CA VAL B 296 -32.12 4.93 -13.64
C VAL B 296 -31.92 5.73 -12.37
N CYS B 297 -32.64 6.85 -12.24
CA CYS B 297 -32.50 7.73 -11.09
C CYS B 297 -33.23 7.15 -9.88
N PRO B 298 -32.80 7.50 -8.67
CA PRO B 298 -33.42 6.90 -7.46
C PRO B 298 -34.86 7.32 -7.22
N ASP B 299 -35.36 8.36 -7.90
CA ASP B 299 -36.74 8.77 -7.72
C ASP B 299 -37.74 7.83 -8.39
N GLY B 300 -37.26 6.87 -9.18
CA GLY B 300 -38.15 5.91 -9.80
C GLY B 300 -39.04 6.47 -10.89
N LYS B 301 -38.56 7.49 -11.62
CA LYS B 301 -39.34 8.06 -12.70
C LYS B 301 -38.46 8.75 -13.73
N THR B 302 -37.24 9.10 -13.34
CA THR B 302 -36.28 9.77 -14.23
C THR B 302 -35.29 8.76 -14.78
N VAL B 303 -35.04 8.85 -16.09
CA VAL B 303 -34.24 7.87 -16.82
C VAL B 303 -33.46 8.59 -17.90
N GLU B 304 -32.20 8.17 -18.10
CA GLU B 304 -31.34 8.69 -19.16
C GLU B 304 -30.80 7.51 -19.96
N ALA B 305 -31.20 7.42 -21.22
CA ALA B 305 -30.72 6.39 -22.14
C ALA B 305 -29.64 6.96 -23.03
N GLU B 306 -28.63 6.15 -23.31
CA GLU B 306 -27.46 6.62 -24.06
C GLU B 306 -26.90 5.48 -24.90
N ALA B 307 -25.99 5.84 -25.80
CA ALA B 307 -25.13 4.88 -26.48
C ALA B 307 -23.88 4.69 -25.63
N ALA B 308 -23.68 3.46 -25.15
CA ALA B 308 -22.60 3.20 -24.21
C ALA B 308 -21.23 3.34 -24.84
N HIS B 309 -21.12 3.11 -26.14
CA HIS B 309 -19.84 3.17 -26.83
C HIS B 309 -19.48 4.63 -27.13
N GLY B 310 -18.44 4.83 -27.94
CA GLY B 310 -17.96 6.15 -28.27
C GLY B 310 -18.51 6.67 -29.59
N THR B 311 -17.93 7.79 -30.04
CA THR B 311 -18.38 8.50 -31.23
C THR B 311 -17.76 7.93 -32.50
N VAL B 312 -17.63 6.62 -32.59
CA VAL B 312 -16.85 5.96 -33.64
C VAL B 312 -15.41 6.46 -33.53
N THR B 313 -14.57 5.68 -32.86
CA THR B 313 -13.14 5.95 -32.82
C THR B 313 -12.57 5.81 -34.22
N ARG B 314 -12.57 4.58 -34.73
CA ARG B 314 -12.04 4.30 -36.05
C ARG B 314 -12.85 5.06 -37.10
N HIS B 315 -12.24 6.06 -37.72
CA HIS B 315 -12.97 6.93 -38.65
C HIS B 315 -12.29 7.01 -40.00
N GLY B 322 -15.77 12.12 -48.85
CA GLY B 322 -17.05 11.63 -49.32
C GLY B 322 -17.03 10.18 -49.78
N GLN B 323 -16.80 9.27 -48.84
CA GLN B 323 -16.77 7.84 -49.11
C GLN B 323 -17.80 7.13 -48.23
N GLU B 324 -18.07 5.87 -48.55
CA GLU B 324 -19.04 5.10 -47.79
C GLU B 324 -18.36 4.47 -46.57
N THR B 325 -19.17 4.18 -45.56
CA THR B 325 -18.63 3.91 -44.23
C THR B 325 -19.07 2.59 -43.62
N SER B 326 -20.38 2.35 -43.56
CA SER B 326 -20.94 1.16 -42.89
C SER B 326 -20.61 1.15 -41.41
N THR B 327 -21.44 1.80 -40.59
CA THR B 327 -21.21 1.86 -39.15
C THR B 327 -22.47 1.44 -38.40
N ASN B 328 -22.27 0.66 -37.35
CA ASN B 328 -23.37 0.04 -36.59
C ASN B 328 -24.18 1.11 -35.86
N PRO B 329 -25.50 1.19 -36.10
CA PRO B 329 -26.33 2.17 -35.39
C PRO B 329 -27.24 1.60 -34.30
N ILE B 330 -27.09 0.32 -33.96
CA ILE B 330 -28.09 -0.35 -33.12
C ILE B 330 -28.12 0.28 -31.72
N ALA B 331 -26.95 0.48 -31.12
CA ALA B 331 -26.90 1.03 -29.78
C ALA B 331 -27.52 2.42 -29.72
N SER B 332 -27.33 3.23 -30.77
CA SER B 332 -27.94 4.54 -30.81
C SER B 332 -29.45 4.45 -30.96
N ILE B 333 -29.93 3.46 -31.74
CA ILE B 333 -31.37 3.27 -31.90
C ILE B 333 -32.01 2.89 -30.57
N PHE B 334 -31.42 1.91 -29.88
CA PHE B 334 -31.98 1.46 -28.61
C PHE B 334 -31.93 2.55 -27.54
N ALA B 335 -31.03 3.52 -27.67
CA ALA B 335 -31.09 4.68 -26.80
C ALA B 335 -32.40 5.44 -26.99
N TRP B 336 -32.87 5.53 -28.23
CA TRP B 336 -34.15 6.18 -28.51
C TRP B 336 -35.32 5.31 -28.04
N THR B 337 -35.28 4.01 -28.35
CA THR B 337 -36.41 3.14 -28.03
C THR B 337 -36.57 3.00 -26.52
N ARG B 338 -35.47 2.85 -25.79
CA ARG B 338 -35.56 2.77 -24.33
C ARG B 338 -36.07 4.08 -23.74
N GLY B 339 -35.63 5.21 -24.30
CA GLY B 339 -36.14 6.49 -23.85
C GLY B 339 -37.62 6.67 -24.14
N LEU B 340 -38.05 6.31 -25.36
CA LEU B 340 -39.47 6.41 -25.69
C LEU B 340 -40.30 5.39 -24.91
N ALA B 341 -39.73 4.22 -24.61
CA ALA B 341 -40.46 3.22 -23.83
C ALA B 341 -40.75 3.73 -22.43
N HIS B 342 -39.80 4.44 -21.83
CA HIS B 342 -40.04 5.02 -20.52
C HIS B 342 -40.95 6.25 -20.61
N ARG B 343 -40.82 7.02 -21.69
CA ARG B 343 -41.74 8.13 -21.92
C ARG B 343 -43.18 7.64 -22.04
N ALA B 344 -43.37 6.46 -22.64
CA ALA B 344 -44.70 5.90 -22.78
C ALA B 344 -45.20 5.32 -21.47
N LYS B 345 -44.31 4.71 -20.68
CA LYS B 345 -44.73 4.16 -19.39
C LYS B 345 -45.17 5.27 -18.44
N LEU B 346 -44.46 6.40 -18.44
CA LEU B 346 -44.84 7.52 -17.60
C LEU B 346 -46.18 8.12 -18.02
N ASP B 347 -46.46 8.11 -19.33
CA ASP B 347 -47.65 8.77 -19.86
C ASP B 347 -48.80 7.81 -20.10
N ASN B 348 -48.64 6.53 -19.76
CA ASN B 348 -49.62 5.50 -20.10
C ASN B 348 -50.02 5.59 -21.57
N ASN B 349 -49.01 5.73 -22.44
CA ASN B 349 -49.19 5.93 -23.87
C ASN B 349 -48.97 4.59 -24.55
N LYS B 350 -50.07 3.94 -24.96
CA LYS B 350 -49.98 2.58 -25.48
C LYS B 350 -49.38 2.56 -26.88
N GLU B 351 -49.76 3.53 -27.73
CA GLU B 351 -49.22 3.58 -29.09
C GLU B 351 -47.72 3.83 -29.09
N LEU B 352 -47.25 4.77 -28.26
CA LEU B 352 -45.82 5.02 -28.15
C LEU B 352 -45.08 3.79 -27.62
N ALA B 353 -45.64 3.11 -26.62
CA ALA B 353 -45.02 1.89 -26.11
C ALA B 353 -44.92 0.82 -27.18
N PHE B 354 -45.91 0.74 -28.07
CA PHE B 354 -45.86 -0.26 -29.14
C PHE B 354 -44.80 0.11 -30.18
N PHE B 355 -44.70 1.40 -30.52
CA PHE B 355 -43.71 1.83 -31.49
C PHE B 355 -42.29 1.55 -30.99
N ALA B 356 -42.03 1.82 -29.72
CA ALA B 356 -40.69 1.60 -29.17
C ALA B 356 -40.30 0.13 -29.24
N ASN B 357 -41.25 -0.76 -28.94
CA ASN B 357 -40.95 -2.20 -28.99
C ASN B 357 -40.85 -2.70 -30.43
N ALA B 358 -41.64 -2.14 -31.34
CA ALA B 358 -41.60 -2.57 -32.73
C ALA B 358 -40.25 -2.24 -33.36
N LEU B 359 -39.69 -1.08 -33.04
CA LEU B 359 -38.40 -0.69 -33.61
C LEU B 359 -37.27 -1.58 -33.11
N GLU B 360 -37.34 -2.04 -31.85
CA GLU B 360 -36.32 -2.94 -31.35
C GLU B 360 -36.43 -4.32 -32.00
N GLU B 361 -37.66 -4.80 -32.23
CA GLU B 361 -37.83 -6.06 -32.93
C GLU B 361 -37.35 -5.95 -34.37
N VAL B 362 -37.68 -4.86 -35.05
CA VAL B 362 -37.22 -4.66 -36.43
C VAL B 362 -35.70 -4.67 -36.49
N SER B 363 -35.04 -4.05 -35.50
CA SER B 363 -33.58 -4.00 -35.49
C SER B 363 -32.98 -5.39 -35.38
N ILE B 364 -33.49 -6.21 -34.45
CA ILE B 364 -32.94 -7.55 -34.25
C ILE B 364 -33.30 -8.45 -35.42
N GLU B 365 -34.53 -8.33 -35.94
CA GLU B 365 -34.96 -9.19 -37.03
C GLU B 365 -34.16 -8.94 -38.30
N THR B 366 -33.82 -7.68 -38.57
CA THR B 366 -33.04 -7.36 -39.77
C THR B 366 -31.67 -8.03 -39.72
N ILE B 367 -31.00 -7.97 -38.57
CA ILE B 367 -29.69 -8.58 -38.43
C ILE B 367 -29.80 -10.10 -38.49
N GLU B 368 -30.80 -10.66 -37.83
CA GLU B 368 -31.00 -12.11 -37.85
C GLU B 368 -31.47 -12.62 -39.21
N ALA B 369 -31.78 -11.73 -40.15
CA ALA B 369 -32.15 -12.11 -41.50
C ALA B 369 -31.00 -11.99 -42.48
N GLY B 370 -29.81 -11.64 -42.02
CA GLY B 370 -28.62 -11.58 -42.86
C GLY B 370 -28.16 -10.19 -43.23
N PHE B 371 -28.93 -9.16 -42.91
CA PHE B 371 -28.58 -7.79 -43.24
C PHE B 371 -27.93 -7.13 -42.02
N MET B 372 -26.68 -6.74 -42.16
CA MET B 372 -25.92 -6.19 -41.03
C MET B 372 -24.80 -5.31 -41.55
N THR B 373 -24.23 -4.53 -40.65
CA THR B 373 -23.11 -3.65 -40.96
C THR B 373 -21.79 -4.43 -40.94
N LYS B 374 -20.74 -3.78 -41.42
CA LYS B 374 -19.48 -4.48 -41.67
C LYS B 374 -18.91 -5.10 -40.39
N ASP B 375 -18.98 -4.37 -39.28
CA ASP B 375 -18.44 -4.89 -38.02
C ASP B 375 -19.11 -6.20 -37.62
N LEU B 376 -20.44 -6.25 -37.72
CA LEU B 376 -21.15 -7.48 -37.36
C LEU B 376 -20.90 -8.59 -38.37
N ALA B 377 -20.63 -8.23 -39.63
CA ALA B 377 -20.23 -9.25 -40.60
C ALA B 377 -18.85 -9.81 -40.26
N ALA B 378 -17.92 -8.94 -39.84
CA ALA B 378 -16.61 -9.41 -39.41
C ALA B 378 -16.72 -10.26 -38.14
N CYS B 379 -17.76 -10.02 -37.34
CA CYS B 379 -17.97 -10.85 -36.15
C CYS B 379 -18.28 -12.29 -36.52
N ILE B 380 -19.04 -12.49 -37.60
CA ILE B 380 -19.50 -13.83 -37.94
C ILE B 380 -18.46 -14.60 -38.74
N LYS B 381 -17.66 -13.92 -39.57
CA LYS B 381 -16.73 -14.59 -40.46
C LYS B 381 -15.27 -14.18 -40.30
N GLY B 382 -14.98 -13.14 -39.52
CA GLY B 382 -13.62 -12.64 -39.43
C GLY B 382 -13.36 -11.54 -40.44
N LEU B 383 -12.69 -10.47 -40.00
CA LEU B 383 -12.52 -9.30 -40.86
C LEU B 383 -11.80 -9.59 -42.17
N PRO B 384 -10.66 -10.30 -42.19
CA PRO B 384 -9.98 -10.51 -43.49
C PRO B 384 -10.80 -11.28 -44.49
N ASN B 385 -11.64 -12.21 -44.04
CA ASN B 385 -12.52 -12.97 -44.93
C ASN B 385 -13.92 -12.36 -44.93
N VAL B 386 -13.98 -11.08 -45.26
CA VAL B 386 -15.23 -10.33 -45.35
C VAL B 386 -15.18 -9.47 -46.62
N GLN B 387 -16.23 -9.55 -47.42
CA GLN B 387 -16.31 -8.80 -48.67
C GLN B 387 -17.52 -7.86 -48.63
N ARG B 388 -17.63 -7.02 -49.65
CA ARG B 388 -18.74 -6.07 -49.73
C ARG B 388 -20.09 -6.78 -49.70
N SER B 389 -20.17 -7.98 -50.27
CA SER B 389 -21.42 -8.71 -50.33
C SER B 389 -21.93 -9.13 -48.95
N ASP B 390 -21.07 -9.08 -47.93
CA ASP B 390 -21.42 -9.56 -46.60
C ASP B 390 -22.07 -8.50 -45.71
N TYR B 391 -22.09 -7.24 -46.13
CA TYR B 391 -22.61 -6.19 -45.26
C TYR B 391 -23.20 -5.07 -46.10
N LEU B 392 -23.91 -4.17 -45.41
CA LEU B 392 -24.48 -2.97 -46.00
C LEU B 392 -23.75 -1.75 -45.44
N ASN B 393 -23.68 -0.69 -46.26
CA ASN B 393 -23.08 0.53 -45.78
C ASN B 393 -24.07 1.28 -44.87
N THR B 394 -23.64 2.44 -44.38
CA THR B 394 -24.41 3.13 -43.34
C THR B 394 -25.82 3.47 -43.82
N PHE B 395 -25.92 4.06 -45.02
CA PHE B 395 -27.22 4.49 -45.52
C PHE B 395 -28.10 3.31 -45.92
N GLU B 396 -27.51 2.22 -46.44
CA GLU B 396 -28.32 1.09 -46.87
C GLU B 396 -28.89 0.33 -45.68
N PHE B 397 -28.09 0.13 -44.62
CA PHE B 397 -28.58 -0.56 -43.45
C PHE B 397 -29.67 0.26 -42.75
N MET B 398 -29.52 1.58 -42.73
CA MET B 398 -30.55 2.43 -42.15
C MET B 398 -31.82 2.39 -43.00
N ASP B 399 -31.67 2.39 -44.32
CA ASP B 399 -32.84 2.26 -45.19
C ASP B 399 -33.48 0.88 -45.06
N LYS B 400 -32.68 -0.15 -44.81
CA LYS B 400 -33.24 -1.49 -44.62
C LYS B 400 -34.06 -1.57 -43.35
N LEU B 401 -33.60 -0.91 -42.27
CA LEU B 401 -34.36 -0.87 -41.03
C LEU B 401 -35.66 -0.10 -41.23
N GLY B 402 -35.59 1.08 -41.87
CA GLY B 402 -36.78 1.85 -42.12
C GLY B 402 -37.75 1.16 -43.05
N GLU B 403 -37.22 0.41 -44.03
CA GLU B 403 -38.08 -0.38 -44.90
C GLU B 403 -38.83 -1.46 -44.12
N ASN B 404 -38.19 -2.02 -43.09
CA ASN B 404 -38.84 -3.04 -42.28
C ASN B 404 -39.72 -2.45 -41.20
N LEU B 405 -39.38 -1.26 -40.69
CA LEU B 405 -40.23 -0.62 -39.70
C LEU B 405 -41.56 -0.20 -40.32
N LYS B 406 -41.53 0.31 -41.56
CA LYS B 406 -42.76 0.65 -42.25
C LYS B 406 -43.63 -0.58 -42.47
N ILE B 407 -43.02 -1.74 -42.68
CA ILE B 407 -43.78 -2.96 -42.94
C ILE B 407 -44.40 -3.48 -41.64
N LYS B 408 -43.61 -3.53 -40.56
CA LYS B 408 -44.13 -4.06 -39.30
C LYS B 408 -45.26 -3.21 -38.76
N LEU B 409 -45.13 -1.88 -38.83
CA LEU B 409 -46.18 -1.01 -38.34
C LEU B 409 -47.43 -1.10 -39.21
N ALA B 410 -47.25 -1.24 -40.52
CA ALA B 410 -48.41 -1.39 -41.41
C ALA B 410 -49.13 -2.70 -41.17
N GLN B 411 -48.41 -3.76 -40.81
CA GLN B 411 -49.06 -5.03 -40.50
C GLN B 411 -49.88 -4.94 -39.23
N ALA B 412 -49.35 -4.27 -38.21
CA ALA B 412 -50.06 -4.18 -36.94
C ALA B 412 -51.29 -3.28 -37.03
N LYS B 413 -51.27 -2.29 -37.92
CA LYS B 413 -52.43 -1.41 -38.07
C LYS B 413 -53.62 -2.16 -38.66
N LEU B 414 -53.37 -3.14 -39.52
CA LEU B 414 -54.42 -3.93 -40.16
C LEU B 414 -54.83 -5.14 -39.33
N LEU B 415 -54.53 -5.15 -38.04
CA LEU B 415 -54.88 -6.27 -37.18
C LEU B 415 -55.78 -5.83 -36.02
N LYS C 3 -10.51 11.28 17.70
CA LYS C 3 -9.34 11.92 17.13
C LYS C 3 -8.10 11.62 17.98
N LYS C 4 -6.93 12.02 17.47
CA LYS C 4 -5.68 11.84 18.17
C LYS C 4 -5.26 13.12 18.88
N ILE C 5 -4.21 13.02 19.68
CA ILE C 5 -3.67 14.17 20.40
C ILE C 5 -2.71 14.91 19.48
N SER C 6 -2.78 16.24 19.50
CA SER C 6 -1.89 17.08 18.71
C SER C 6 -0.54 17.17 19.41
N GLY C 7 0.46 16.47 18.88
CA GLY C 7 1.76 16.41 19.51
C GLY C 7 2.61 17.65 19.30
N GLY C 8 3.00 17.91 18.05
CA GLY C 8 3.83 19.04 17.72
C GLY C 8 5.04 18.59 16.92
N SER C 9 6.10 19.40 16.97
CA SER C 9 7.33 19.12 16.24
C SER C 9 8.28 18.34 17.13
N VAL C 10 8.69 17.16 16.66
CA VAL C 10 9.61 16.29 17.39
C VAL C 10 10.66 15.77 16.41
N VAL C 11 11.93 15.87 16.80
CA VAL C 11 13.03 15.35 16.00
C VAL C 11 13.32 13.92 16.43
N GLU C 12 13.23 12.98 15.49
CA GLU C 12 13.45 11.57 15.76
C GLU C 12 14.76 11.10 15.14
N MET C 13 15.50 10.27 15.86
CA MET C 13 16.78 9.75 15.41
C MET C 13 16.75 8.23 15.49
N GLN C 14 16.62 7.58 14.34
N GLN C 14 16.61 7.58 14.34
CA GLN C 14 16.56 6.12 14.28
CA GLN C 14 16.58 6.13 14.28
C GLN C 14 17.95 5.52 14.49
C GLN C 14 17.96 5.55 14.51
N GLY C 15 18.00 4.39 15.18
CA GLY C 15 19.26 3.77 15.53
C GLY C 15 19.62 2.50 14.80
N ASP C 16 20.20 1.53 15.52
CA ASP C 16 20.79 0.35 14.91
C ASP C 16 20.35 -0.92 15.63
N GLU C 17 20.39 -2.02 14.89
CA GLU C 17 20.31 -3.40 15.40
C GLU C 17 19.00 -3.56 16.18
N MET C 18 19.05 -4.19 17.37
CA MET C 18 17.82 -4.59 18.05
C MET C 18 17.03 -3.38 18.53
N THR C 19 17.71 -2.28 18.87
CA THR C 19 16.99 -1.09 19.32
C THR C 19 16.23 -0.43 18.17
N ARG C 20 16.68 -0.64 16.93
CA ARG C 20 15.95 -0.09 15.79
C ARG C 20 14.62 -0.81 15.59
N ILE C 21 14.62 -2.15 15.76
CA ILE C 21 13.38 -2.91 15.64
C ILE C 21 12.38 -2.48 16.70
N ILE C 22 12.84 -2.37 17.95
CA ILE C 22 11.98 -1.96 19.06
C ILE C 22 11.51 -0.51 18.87
N TRP C 23 12.37 0.34 18.29
CA TRP C 23 12.00 1.72 18.04
C TRP C 23 10.75 1.82 17.18
N GLU C 24 10.65 0.97 16.15
CA GLU C 24 9.50 0.99 15.27
C GLU C 24 8.26 0.38 15.92
N LEU C 25 8.44 -0.67 16.72
CA LEU C 25 7.31 -1.25 17.44
C LEU C 25 6.70 -0.25 18.41
N ILE C 26 7.53 0.60 19.02
CA ILE C 26 7.02 1.59 19.97
C ILE C 26 6.18 2.64 19.25
N LYS C 27 6.69 3.16 18.13
CA LYS C 27 5.94 4.17 17.38
C LYS C 27 4.65 3.59 16.81
N GLU C 28 4.71 2.36 16.31
CA GLU C 28 3.55 1.76 15.65
C GLU C 28 2.46 1.41 16.66
N LYS C 29 2.84 0.93 17.85
CA LYS C 29 1.89 0.40 18.80
C LYS C 29 1.53 1.35 19.93
N LEU C 30 2.46 2.22 20.35
CA LEU C 30 2.27 3.03 21.56
C LEU C 30 2.11 4.51 21.30
N ILE C 31 2.68 5.03 20.21
CA ILE C 31 2.71 6.48 19.95
C ILE C 31 1.73 6.86 18.85
N PHE C 32 1.96 6.39 17.63
CA PHE C 32 1.12 6.81 16.49
C PHE C 32 -0.38 6.56 16.67
N PRO C 33 -0.84 5.46 17.28
CA PRO C 33 -2.30 5.30 17.46
C PRO C 33 -2.96 6.39 18.28
N TYR C 34 -2.20 7.18 19.04
CA TYR C 34 -2.78 8.17 19.94
C TYR C 34 -2.29 9.59 19.75
N VAL C 35 -1.16 9.82 19.08
CA VAL C 35 -0.58 11.15 18.97
C VAL C 35 -0.24 11.44 17.51
N GLU C 36 -0.73 12.56 17.00
CA GLU C 36 -0.26 13.08 15.71
C GLU C 36 0.99 13.91 15.94
N LEU C 37 1.98 13.73 15.08
CA LEU C 37 3.29 14.36 15.26
C LEU C 37 3.79 14.96 13.96
N ASP C 38 4.33 16.18 14.06
CA ASP C 38 5.15 16.76 12.99
C ASP C 38 6.55 16.18 13.15
N LEU C 39 6.71 14.95 12.70
CA LEU C 39 7.92 14.17 12.99
C LEU C 39 9.02 14.52 12.01
N HIS C 40 10.17 14.95 12.53
CA HIS C 40 11.35 15.24 11.72
C HIS C 40 12.35 14.10 11.97
N SER C 41 12.35 13.13 11.06
CA SER C 41 13.14 11.92 11.25
C SER C 41 14.52 12.07 10.62
N TYR C 42 15.54 11.58 11.34
CA TYR C 42 16.91 11.53 10.85
C TYR C 42 17.46 10.16 11.13
N ASP C 43 17.78 9.42 10.08
CA ASP C 43 18.23 8.03 10.20
C ASP C 43 19.71 8.03 10.61
N LEU C 44 19.97 7.80 11.89
CA LEU C 44 21.33 7.66 12.39
C LEU C 44 21.81 6.21 12.38
N GLY C 45 21.16 5.35 11.61
CA GLY C 45 21.67 4.01 11.43
C GLY C 45 23.07 4.04 10.84
N ILE C 46 23.84 3.00 11.14
CA ILE C 46 25.25 2.98 10.77
C ILE C 46 25.40 3.00 9.24
N GLU C 47 24.42 2.48 8.52
CA GLU C 47 24.51 2.48 7.05
C GLU C 47 24.28 3.88 6.48
N ASN C 48 23.38 4.66 7.09
CA ASN C 48 23.09 5.99 6.56
C ASN C 48 24.17 6.99 6.95
N ARG C 49 24.69 6.88 8.17
CA ARG C 49 25.81 7.73 8.58
C ARG C 49 27.01 7.53 7.66
N ASP C 50 27.28 6.27 7.29
CA ASP C 50 28.37 5.98 6.36
C ASP C 50 28.08 6.55 4.98
N ALA C 51 26.81 6.52 4.55
CA ALA C 51 26.46 7.01 3.24
C ALA C 51 26.59 8.53 3.17
N THR C 52 26.03 9.24 4.15
CA THR C 52 26.07 10.69 4.18
C THR C 52 27.35 11.24 4.79
N ASN C 53 28.35 10.39 5.04
CA ASN C 53 29.61 10.80 5.65
C ASN C 53 29.39 11.46 7.01
N ASP C 54 28.50 10.86 7.81
CA ASP C 54 28.16 11.31 9.17
C ASP C 54 27.52 12.70 9.18
N GLN C 55 27.17 13.25 8.02
CA GLN C 55 26.51 14.55 8.00
C GLN C 55 25.12 14.48 8.62
N VAL C 56 24.47 13.33 8.53
CA VAL C 56 23.11 13.20 9.08
C VAL C 56 23.13 13.36 10.60
N THR C 57 24.24 13.02 11.25
CA THR C 57 24.33 13.24 12.70
C THR C 57 24.37 14.72 13.02
N LYS C 58 25.14 15.49 12.25
CA LYS C 58 25.20 16.94 12.48
C LYS C 58 23.89 17.60 12.06
N ASP C 59 23.25 17.09 11.00
CA ASP C 59 21.95 17.62 10.60
C ASP C 59 20.91 17.42 11.70
N ALA C 60 20.90 16.25 12.32
CA ALA C 60 19.94 15.99 13.40
C ALA C 60 20.19 16.89 14.59
N ALA C 61 21.47 17.15 14.91
CA ALA C 61 21.79 18.01 16.04
C ALA C 61 21.28 19.44 15.80
N GLU C 62 21.50 19.96 14.60
CA GLU C 62 21.00 21.30 14.28
C GLU C 62 19.48 21.33 14.25
N ALA C 63 18.84 20.23 13.86
CA ALA C 63 17.39 20.18 13.87
C ALA C 63 16.82 20.20 15.28
N ILE C 64 17.59 19.70 16.25
CA ILE C 64 17.14 19.73 17.64
C ILE C 64 17.20 21.16 18.18
N LYS C 65 18.21 21.93 17.77
CA LYS C 65 18.29 23.34 18.16
C LYS C 65 17.07 24.11 17.67
N LYS C 66 16.56 23.76 16.49
CA LYS C 66 15.46 24.51 15.90
C LYS C 66 14.12 24.13 16.51
N HIS C 67 13.93 22.85 16.84
CA HIS C 67 12.63 22.36 17.30
C HIS C 67 12.57 22.07 18.79
N ASN C 68 13.72 22.06 19.48
CA ASN C 68 13.85 22.01 20.95
C ASN C 68 13.57 20.65 21.56
N VAL C 69 13.13 19.65 20.79
CA VAL C 69 12.82 18.33 21.34
C VAL C 69 13.39 17.27 20.42
N GLY C 70 14.21 16.38 20.97
CA GLY C 70 14.76 15.26 20.23
C GLY C 70 14.68 13.95 20.98
N VAL C 71 14.38 12.87 20.25
CA VAL C 71 14.34 11.53 20.84
C VAL C 71 15.24 10.64 20.00
N LYS C 72 16.21 10.00 20.66
CA LYS C 72 17.25 9.26 19.96
C LYS C 72 17.21 7.77 20.32
N CYS C 73 17.35 6.94 19.29
CA CYS C 73 17.52 5.50 19.47
C CYS C 73 19.00 5.18 19.61
N ALA C 74 19.29 4.07 20.30
CA ALA C 74 20.67 3.66 20.52
C ALA C 74 21.37 3.42 19.19
N THR C 75 22.61 3.87 19.10
CA THR C 75 23.38 3.82 17.85
C THR C 75 24.70 3.10 18.06
N ILE C 76 25.22 2.52 16.98
CA ILE C 76 26.49 1.83 17.01
C ILE C 76 27.62 2.85 16.89
N THR C 77 28.53 2.85 17.86
CA THR C 77 29.79 3.57 17.72
C THR C 77 30.78 2.62 17.05
N PRO C 78 31.21 2.87 15.82
CA PRO C 78 31.98 1.87 15.09
C PRO C 78 33.40 1.74 15.62
N ASP C 79 33.88 0.50 15.66
CA ASP C 79 35.28 0.22 15.99
C ASP C 79 35.94 -0.45 14.79
N GLU C 80 37.02 -1.19 15.04
CA GLU C 80 37.69 -1.89 13.94
C GLU C 80 36.83 -3.02 13.39
N LYS C 81 36.14 -3.75 14.27
CA LYS C 81 35.27 -4.83 13.82
C LYS C 81 34.07 -4.29 13.05
N ARG C 82 33.52 -3.16 13.48
CA ARG C 82 32.35 -2.59 12.81
C ARG C 82 32.71 -2.11 11.39
N VAL C 83 33.93 -1.59 11.22
CA VAL C 83 34.36 -1.14 9.89
C VAL C 83 34.38 -2.32 8.93
N GLU C 84 35.01 -3.42 9.33
CA GLU C 84 35.04 -4.61 8.48
C GLU C 84 33.66 -5.23 8.33
N GLU C 85 32.78 -5.04 9.32
CA GLU C 85 31.45 -5.63 9.26
C GLU C 85 30.57 -4.93 8.23
N PHE C 86 30.60 -3.59 8.21
CA PHE C 86 29.75 -2.81 7.32
C PHE C 86 30.51 -2.21 6.14
N LYS C 87 31.80 -2.52 5.99
CA LYS C 87 32.63 -1.94 4.93
C LYS C 87 32.57 -0.41 4.96
N LEU C 88 32.78 0.14 6.15
CA LEU C 88 32.64 1.58 6.34
C LEU C 88 33.80 2.34 5.69
N LYS C 89 33.52 3.59 5.33
CA LYS C 89 34.56 4.44 4.74
C LYS C 89 35.53 4.94 5.80
N GLN C 90 35.02 5.34 6.96
CA GLN C 90 35.83 5.78 8.08
C GLN C 90 35.29 5.17 9.36
N MET C 91 36.12 5.19 10.40
CA MET C 91 35.68 4.80 11.74
C MET C 91 35.06 6.03 12.39
N TRP C 92 33.79 6.25 12.08
CA TRP C 92 33.12 7.49 12.48
C TRP C 92 33.08 7.64 13.99
N LYS C 93 33.08 8.88 14.44
CA LYS C 93 33.00 9.16 15.86
C LYS C 93 31.61 8.83 16.39
N SER C 94 31.51 8.74 17.71
CA SER C 94 30.24 8.45 18.35
C SER C 94 29.21 9.51 17.99
N PRO C 95 28.00 9.12 17.57
CA PRO C 95 26.96 10.13 17.35
C PRO C 95 26.58 10.87 18.62
N ASN C 96 26.54 10.16 19.75
CA ASN C 96 26.25 10.81 21.02
C ASN C 96 27.29 11.87 21.35
N GLY C 97 28.57 11.58 21.09
CA GLY C 97 29.61 12.57 21.30
C GLY C 97 29.48 13.76 20.37
N THR C 98 29.10 13.51 19.12
CA THR C 98 28.91 14.60 18.16
C THR C 98 27.74 15.48 18.57
N ILE C 99 26.61 14.88 18.94
CA ILE C 99 25.42 15.64 19.26
C ILE C 99 25.63 16.45 20.54
N ARG C 100 26.16 15.79 21.59
CA ARG C 100 26.35 16.48 22.87
C ARG C 100 27.31 17.65 22.74
N ASN C 101 28.39 17.49 21.99
N ASN C 101 28.41 17.47 22.00
CA ASN C 101 29.36 18.57 21.81
CA ASN C 101 29.36 18.56 21.78
C ASN C 101 28.88 19.62 20.83
C ASN C 101 28.70 19.73 21.07
N ILE C 102 27.70 19.47 20.25
CA ILE C 102 27.05 20.53 19.48
C ILE C 102 25.98 21.23 20.32
N LEU C 103 25.14 20.46 21.02
CA LEU C 103 24.09 21.04 21.84
C LEU C 103 24.64 21.52 23.18
N GLY C 104 25.54 20.77 23.79
CA GLY C 104 26.03 21.10 25.12
C GLY C 104 24.95 20.87 26.17
N GLY C 105 25.32 21.14 27.41
CA GLY C 105 24.37 21.00 28.51
C GLY C 105 24.73 19.90 29.49
N THR C 106 23.71 19.33 30.13
CA THR C 106 23.89 18.31 31.15
C THR C 106 22.96 17.14 30.87
N VAL C 107 23.49 15.93 30.96
CA VAL C 107 22.72 14.70 30.76
C VAL C 107 22.34 14.16 32.13
N PHE C 108 21.05 14.18 32.44
CA PHE C 108 20.54 13.68 33.72
C PHE C 108 20.09 12.24 33.55
N ARG C 109 20.63 11.35 34.39
CA ARG C 109 20.34 9.93 34.33
C ARG C 109 19.81 9.45 35.67
N GLU C 110 18.84 8.54 35.60
CA GLU C 110 18.12 8.10 36.80
C GLU C 110 17.50 6.74 36.50
N ALA C 111 17.45 5.89 37.52
CA ALA C 111 16.91 4.55 37.38
C ALA C 111 15.40 4.57 37.31
N ILE C 112 14.85 3.65 36.52
CA ILE C 112 13.40 3.47 36.41
C ILE C 112 13.01 2.37 37.40
N ILE C 113 12.30 2.76 38.45
CA ILE C 113 12.10 1.91 39.63
C ILE C 113 10.77 1.17 39.50
N CYS C 114 10.82 -0.15 39.71
CA CYS C 114 9.63 -0.97 39.86
C CYS C 114 9.66 -1.64 41.23
N LYS C 115 8.49 -1.72 41.87
CA LYS C 115 8.42 -2.19 43.24
C LYS C 115 8.88 -3.64 43.38
N ASN C 116 8.77 -4.44 42.32
CA ASN C 116 9.04 -5.87 42.39
C ASN C 116 10.38 -6.27 41.78
N ILE C 117 11.25 -5.29 41.49
CA ILE C 117 12.57 -5.56 40.92
C ILE C 117 13.60 -5.39 42.02
N PRO C 118 14.32 -6.43 42.41
CA PRO C 118 15.27 -6.31 43.52
C PRO C 118 16.49 -5.49 43.13
N ARG C 119 17.01 -4.75 44.11
CA ARG C 119 18.23 -3.98 43.93
C ARG C 119 19.44 -4.82 44.31
N LEU C 120 20.60 -4.40 43.80
CA LEU C 120 21.87 -4.99 44.23
C LEU C 120 22.44 -4.28 45.44
N VAL C 121 22.14 -3.00 45.61
CA VAL C 121 22.49 -2.24 46.81
C VAL C 121 21.20 -2.05 47.60
N SER C 122 21.11 -2.71 48.76
CA SER C 122 19.84 -2.74 49.50
C SER C 122 19.49 -1.38 50.10
N GLY C 123 20.50 -0.61 50.49
CA GLY C 123 20.24 0.66 51.18
C GLY C 123 19.67 1.76 50.30
N TRP C 124 19.66 1.57 48.98
CA TRP C 124 19.22 2.60 48.04
C TRP C 124 17.70 2.67 47.99
N VAL C 125 17.11 3.13 49.10
CA VAL C 125 15.66 3.24 49.18
C VAL C 125 15.14 4.50 48.48
N LYS C 126 16.00 5.46 48.19
CA LYS C 126 15.64 6.67 47.46
C LYS C 126 16.48 6.77 46.19
N PRO C 127 15.98 7.43 45.16
CA PRO C 127 16.69 7.46 43.87
C PRO C 127 17.97 8.27 43.94
N ILE C 128 18.88 7.96 43.01
CA ILE C 128 20.11 8.72 42.80
C ILE C 128 20.08 9.25 41.39
N ILE C 129 20.24 10.57 41.24
CA ILE C 129 20.20 11.23 39.94
C ILE C 129 21.61 11.72 39.63
N ILE C 130 22.15 11.30 38.48
CA ILE C 130 23.47 11.71 38.03
C ILE C 130 23.30 12.85 37.03
N GLY C 131 24.00 13.96 37.29
CA GLY C 131 24.07 15.05 36.33
C GLY C 131 25.40 15.04 35.61
N CYS C 132 25.40 14.47 34.40
N CYS C 132 25.42 14.47 34.40
CA CYS C 132 26.63 14.33 33.61
CA CYS C 132 26.66 14.31 33.65
C CYS C 132 26.88 15.58 32.80
C CYS C 132 26.90 15.55 32.78
N HIS C 133 28.03 16.22 33.02
CA HIS C 133 28.45 17.33 32.17
C HIS C 133 28.76 16.78 30.79
N ALA C 134 28.04 17.26 29.78
CA ALA C 134 28.03 16.63 28.46
C ALA C 134 29.06 17.22 27.50
N TYR C 135 30.04 17.96 27.99
CA TYR C 135 30.93 18.71 27.12
C TYR C 135 32.39 18.47 27.50
N GLY C 136 33.22 18.27 26.47
CA GLY C 136 34.67 18.30 26.61
C GLY C 136 35.27 17.09 27.32
N ASP C 137 36.45 17.34 27.90
CA ASP C 137 37.25 16.32 28.58
C ASP C 137 37.62 15.19 27.64
N GLN C 138 37.62 13.94 28.15
CA GLN C 138 38.10 12.82 27.33
C GLN C 138 37.25 12.63 26.08
N TYR C 139 36.03 13.13 26.05
CA TYR C 139 35.10 12.85 24.97
C TYR C 139 35.09 13.94 23.91
N ARG C 140 36.07 14.84 23.93
CA ARG C 140 36.31 15.78 22.85
C ARG C 140 37.81 16.11 22.81
N ALA C 141 38.65 15.10 23.00
CA ALA C 141 40.08 15.29 23.17
C ALA C 141 40.83 14.90 21.90
N THR C 142 42.15 15.14 21.94
CA THR C 142 43.04 14.88 20.82
C THR C 142 44.13 13.93 21.29
N ASP C 143 43.97 12.64 20.97
CA ASP C 143 44.93 11.61 21.37
C ASP C 143 45.64 11.05 20.14
N PHE C 144 46.87 10.61 20.34
CA PHE C 144 47.69 10.11 19.25
C PHE C 144 48.75 9.17 19.82
N VAL C 145 49.33 8.37 18.93
CA VAL C 145 50.43 7.48 19.28
C VAL C 145 51.74 8.22 19.16
N VAL C 146 52.60 8.06 20.16
CA VAL C 146 53.97 8.57 20.11
C VAL C 146 54.86 7.47 19.52
N PRO C 147 55.36 7.63 18.29
CA PRO C 147 56.06 6.50 17.66
C PRO C 147 57.38 6.15 18.31
N GLY C 148 58.14 7.15 18.76
CA GLY C 148 59.43 6.90 19.35
C GLY C 148 59.87 8.01 20.30
N PRO C 149 61.15 8.01 20.66
CA PRO C 149 61.64 9.04 21.58
C PRO C 149 61.47 10.44 21.02
N GLY C 150 61.18 11.38 21.91
CA GLY C 150 60.98 12.76 21.52
C GLY C 150 60.28 13.53 22.61
N LYS C 151 59.95 14.78 22.28
CA LYS C 151 59.31 15.70 23.21
C LYS C 151 57.84 15.88 22.83
N VAL C 152 56.96 15.78 23.81
CA VAL C 152 55.56 16.14 23.66
C VAL C 152 55.32 17.40 24.50
N GLU C 153 54.87 18.46 23.84
CA GLU C 153 54.62 19.74 24.50
C GLU C 153 53.18 20.15 24.27
N ILE C 154 52.67 21.00 25.17
CA ILE C 154 51.36 21.61 25.02
C ILE C 154 51.51 23.10 25.24
N THR C 155 50.99 23.90 24.30
CA THR C 155 51.22 25.34 24.29
C THR C 155 49.90 26.08 24.25
N TYR C 156 49.89 27.26 24.86
CA TYR C 156 48.76 28.17 24.81
C TYR C 156 49.21 29.51 24.24
N THR C 157 48.52 29.97 23.21
CA THR C 157 48.79 31.27 22.59
C THR C 157 47.55 32.15 22.70
N PRO C 158 47.58 33.20 23.50
CA PRO C 158 46.43 34.12 23.54
C PRO C 158 46.19 34.75 22.18
N SER C 159 44.91 34.89 21.83
CA SER C 159 44.55 35.51 20.56
C SER C 159 45.08 36.93 20.45
N ASP C 160 45.34 37.58 21.58
CA ASP C 160 45.90 38.94 21.59
C ASP C 160 47.43 38.88 21.64
N GLY C 161 47.98 38.17 20.65
CA GLY C 161 49.42 38.16 20.34
C GLY C 161 50.41 38.04 21.49
N THR C 162 50.25 38.90 22.50
CA THR C 162 51.20 39.16 23.57
C THR C 162 52.05 37.98 24.04
N GLN C 163 51.43 36.87 24.43
CA GLN C 163 52.12 35.83 25.17
C GLN C 163 52.19 34.52 24.39
N LYS C 164 52.84 33.54 25.02
CA LYS C 164 52.90 32.15 24.58
C LYS C 164 53.53 31.31 25.67
N VAL C 165 52.79 30.35 26.21
CA VAL C 165 53.27 29.46 27.27
C VAL C 165 53.38 28.06 26.70
N THR C 166 54.57 27.46 26.82
CA THR C 166 54.82 26.10 26.36
C THR C 166 55.10 25.22 27.57
N TYR C 167 54.22 24.24 27.80
CA TYR C 167 54.40 23.26 28.87
C TYR C 167 54.99 21.99 28.30
N LEU C 168 55.88 21.36 29.07
CA LEU C 168 56.45 20.07 28.70
C LEU C 168 55.55 18.96 29.26
N VAL C 169 54.98 18.15 28.37
CA VAL C 169 54.16 17.03 28.80
C VAL C 169 55.04 15.87 29.25
N HIS C 170 55.99 15.47 28.40
CA HIS C 170 56.90 14.37 28.71
C HIS C 170 57.97 14.28 27.64
N ASN C 171 59.17 13.89 28.04
N ASN C 171 59.19 13.95 28.07
CA ASN C 171 60.28 13.64 27.11
CA ASN C 171 60.29 13.60 27.17
C ASN C 171 60.48 12.13 27.03
C ASN C 171 60.35 12.08 27.09
N PHE C 172 60.02 11.54 25.93
CA PHE C 172 60.19 10.11 25.70
C PHE C 172 61.65 9.85 25.39
N GLU C 173 62.34 9.14 26.29
CA GLU C 173 63.76 8.88 26.12
C GLU C 173 64.05 7.47 25.64
N GLU C 174 63.21 6.50 25.98
CA GLU C 174 63.38 5.11 25.54
C GLU C 174 62.03 4.58 25.08
N GLY C 175 61.82 4.51 23.76
CA GLY C 175 60.61 3.95 23.23
C GLY C 175 59.54 4.98 22.96
N GLY C 176 58.36 4.47 22.61
CA GLY C 176 57.22 5.28 22.29
C GLY C 176 56.12 5.19 23.35
N GLY C 177 54.91 5.55 22.94
CA GLY C 177 53.78 5.52 23.86
C GLY C 177 52.60 6.28 23.28
N VAL C 178 51.84 6.92 24.17
CA VAL C 178 50.68 7.70 23.78
C VAL C 178 50.69 9.03 24.51
N ALA C 179 49.96 9.98 23.94
CA ALA C 179 49.78 11.30 24.55
C ALA C 179 48.43 11.84 24.11
N MET C 180 47.90 12.79 24.87
CA MET C 180 46.61 13.35 24.54
C MET C 180 46.46 14.73 25.19
N GLY C 181 45.67 15.56 24.55
CA GLY C 181 45.29 16.84 25.13
C GLY C 181 43.78 16.99 25.14
N MET C 182 43.26 17.48 26.27
CA MET C 182 41.84 17.70 26.42
C MET C 182 41.62 19.07 27.06
N TYR C 183 40.37 19.51 27.06
CA TYR C 183 40.06 20.86 27.47
C TYR C 183 38.64 20.93 28.03
N ASN C 184 38.32 22.11 28.56
CA ASN C 184 36.95 22.50 28.91
C ASN C 184 36.97 24.01 29.08
N GLN C 185 35.80 24.62 29.00
CA GLN C 185 35.70 26.07 29.06
C GLN C 185 34.74 26.49 30.18
N ASP C 186 34.94 27.72 30.65
CA ASP C 186 34.24 28.19 31.84
C ASP C 186 32.73 28.25 31.64
N LYS C 187 32.29 28.76 30.49
CA LYS C 187 30.85 28.93 30.27
C LYS C 187 30.10 27.61 30.33
N SER C 188 30.70 26.55 29.76
CA SER C 188 30.05 25.24 29.82
C SER C 188 30.05 24.68 31.23
N ILE C 189 31.10 24.96 31.99
CA ILE C 189 31.16 24.51 33.38
C ILE C 189 30.14 25.27 34.23
N GLU C 190 29.96 26.57 33.95
CA GLU C 190 28.98 27.37 34.67
C GLU C 190 27.57 26.86 34.41
N ASP C 191 27.24 26.59 33.14
CA ASP C 191 25.93 26.02 32.82
C ASP C 191 25.76 24.64 33.48
N PHE C 192 26.83 23.87 33.53
CA PHE C 192 26.81 22.58 34.24
C PHE C 192 26.48 22.79 35.72
N ALA C 193 27.07 23.81 36.33
CA ALA C 193 26.79 24.09 37.74
C ALA C 193 25.33 24.50 37.93
N HIS C 194 24.85 25.45 37.13
CA HIS C 194 23.48 25.93 37.28
C HIS C 194 22.46 24.80 37.13
N SER C 195 22.67 23.91 36.16
CA SER C 195 21.76 22.79 35.99
C SER C 195 21.77 21.86 37.20
N SER C 196 22.92 21.71 37.85
CA SER C 196 23.01 20.80 38.99
C SER C 196 22.29 21.38 40.21
N PHE C 197 22.52 22.66 40.50
CA PHE C 197 21.86 23.28 41.64
C PHE C 197 20.34 23.32 41.45
N GLN C 198 19.88 23.68 40.26
CA GLN C 198 18.44 23.77 40.00
C GLN C 198 17.79 22.40 40.10
N MET C 199 18.49 21.34 39.64
CA MET C 199 17.94 20.00 39.75
C MET C 199 17.79 19.58 41.20
N ALA C 200 18.80 19.88 42.03
CA ALA C 200 18.72 19.52 43.44
C ALA C 200 17.59 20.27 44.14
N LEU C 201 17.35 21.52 43.76
CA LEU C 201 16.27 22.29 44.37
C LEU C 201 14.91 21.77 43.93
N SER C 202 14.77 21.39 42.66
CA SER C 202 13.49 20.89 42.17
C SER C 202 13.14 19.52 42.76
N LYS C 203 14.14 18.76 43.22
CA LYS C 203 13.90 17.48 43.87
C LYS C 203 13.93 17.56 45.39
N GLY C 204 14.53 18.61 45.95
CA GLY C 204 14.65 18.71 47.39
C GLY C 204 15.72 17.82 47.98
N TRP C 205 16.80 17.58 47.25
CA TRP C 205 17.88 16.70 47.69
C TRP C 205 19.20 17.44 47.68
N PRO C 206 20.16 17.02 48.50
CA PRO C 206 21.50 17.63 48.46
C PRO C 206 22.22 17.31 47.16
N LEU C 207 23.26 18.08 46.89
CA LEU C 207 24.03 17.97 45.65
C LEU C 207 25.51 17.75 45.99
N TYR C 208 26.13 16.80 45.29
CA TYR C 208 27.55 16.54 45.44
C TYR C 208 28.23 16.63 44.07
N LEU C 209 29.39 17.27 44.06
CA LEU C 209 30.24 17.34 42.87
C LEU C 209 31.51 16.53 43.14
N SER C 210 31.88 15.67 42.18
CA SER C 210 33.04 14.82 42.31
C SER C 210 34.11 15.25 41.31
N THR C 211 35.32 15.52 41.82
CA THR C 211 36.49 15.77 41.01
C THR C 211 37.68 15.06 41.66
N LYS C 212 38.86 15.26 41.05
CA LYS C 212 40.11 14.85 41.69
C LYS C 212 41.02 16.07 41.77
N ASN C 213 40.55 17.13 42.43
CA ASN C 213 41.26 18.41 42.42
C ASN C 213 42.55 18.35 43.24
N THR C 214 42.71 17.36 44.11
CA THR C 214 43.96 17.22 44.85
C THR C 214 45.11 16.86 43.95
N ILE C 215 44.84 16.25 42.79
CA ILE C 215 45.86 15.88 41.82
C ILE C 215 45.83 16.80 40.61
N LEU C 216 44.64 17.06 40.06
CA LEU C 216 44.46 18.00 38.95
C LEU C 216 44.07 19.34 39.55
N LYS C 217 45.08 20.02 40.10
CA LYS C 217 44.83 21.24 40.87
C LYS C 217 44.22 22.34 40.02
N LYS C 218 44.72 22.51 38.79
CA LYS C 218 44.22 23.55 37.91
C LYS C 218 42.97 23.11 37.15
N TYR C 219 43.00 21.91 36.58
CA TYR C 219 41.88 21.44 35.77
C TYR C 219 40.63 21.22 36.63
N ASP C 220 40.72 20.32 37.61
CA ASP C 220 39.58 20.05 38.47
C ASP C 220 39.33 21.15 39.50
N GLY C 221 40.36 21.93 39.84
CA GLY C 221 40.14 23.08 40.69
C GLY C 221 39.20 24.09 40.07
N ARG C 222 39.21 24.18 38.73
CA ARG C 222 38.29 25.07 38.03
C ARG C 222 36.84 24.64 38.26
N PHE C 223 36.56 23.35 38.11
CA PHE C 223 35.21 22.83 38.37
C PHE C 223 34.78 23.13 39.80
N LYS C 224 35.67 22.87 40.76
CA LYS C 224 35.33 23.09 42.16
C LYS C 224 35.12 24.57 42.46
N ASP C 225 36.00 25.44 41.93
CA ASP C 225 35.88 26.87 42.21
C ASP C 225 34.63 27.47 41.57
N ILE C 226 34.29 27.04 40.35
CA ILE C 226 33.13 27.60 39.67
C ILE C 226 31.84 27.16 40.37
N PHE C 227 31.77 25.90 40.79
CA PHE C 227 30.59 25.42 41.50
C PHE C 227 30.40 26.17 42.82
N GLN C 228 31.47 26.28 43.61
CA GLN C 228 31.36 26.93 44.92
C GLN C 228 31.04 28.41 44.78
N GLU C 229 31.58 29.06 43.74
CA GLU C 229 31.30 30.48 43.53
C GLU C 229 29.84 30.71 43.15
N ILE C 230 29.30 29.87 42.28
CA ILE C 230 27.90 30.03 41.87
C ILE C 230 26.96 29.68 43.03
N TYR C 231 27.33 28.68 43.83
CA TYR C 231 26.49 28.28 44.96
C TYR C 231 26.38 29.39 46.00
N ASP C 232 27.51 30.02 46.35
CA ASP C 232 27.51 31.02 47.39
C ASP C 232 26.72 32.27 47.00
N LYS C 233 26.72 32.62 45.71
CA LYS C 233 26.13 33.87 45.27
C LYS C 233 24.72 33.74 44.71
N GLN C 234 24.27 32.52 44.39
CA GLN C 234 22.98 32.36 43.71
C GLN C 234 22.07 31.28 44.27
N TYR C 235 22.57 30.33 45.06
CA TYR C 235 21.75 29.21 45.47
C TYR C 235 21.84 28.83 46.95
N LYS C 236 22.72 29.46 47.74
CA LYS C 236 22.93 29.00 49.11
C LYS C 236 21.68 29.17 49.96
N SER C 237 21.03 30.34 49.88
CA SER C 237 19.85 30.55 50.70
C SER C 237 18.68 29.68 50.24
N GLN C 238 18.60 29.37 48.95
CA GLN C 238 17.57 28.46 48.47
C GLN C 238 17.79 27.06 49.02
N PHE C 239 19.03 26.58 49.02
CA PHE C 239 19.34 25.29 49.62
C PHE C 239 19.01 25.28 51.11
N GLU C 240 19.42 26.32 51.83
CA GLU C 240 19.14 26.40 53.25
C GLU C 240 17.64 26.45 53.53
N ALA C 241 16.86 26.98 52.59
CA ALA C 241 15.41 27.02 52.78
C ALA C 241 14.78 25.65 52.73
N GLN C 242 15.40 24.70 52.02
CA GLN C 242 14.91 23.33 51.94
C GLN C 242 15.71 22.36 52.80
N LYS C 243 16.60 22.88 53.65
CA LYS C 243 17.44 22.05 54.53
C LYS C 243 18.30 21.07 53.75
N ILE C 244 18.67 21.43 52.53
CA ILE C 244 19.62 20.63 51.74
C ILE C 244 20.93 21.39 51.67
N TRP C 245 21.94 20.77 51.06
CA TRP C 245 23.28 21.35 51.04
C TRP C 245 23.97 20.98 49.75
N TYR C 246 25.10 21.65 49.49
CA TYR C 246 25.99 21.28 48.39
C TYR C 246 27.39 21.09 48.96
N GLU C 247 28.03 19.98 48.59
CA GLU C 247 29.38 19.69 49.04
C GLU C 247 30.18 19.09 47.90
N HIS C 248 31.46 19.45 47.84
CA HIS C 248 32.40 18.84 46.90
C HIS C 248 33.01 17.60 47.53
N ARG C 249 33.27 16.59 46.70
CA ARG C 249 33.86 15.34 47.14
C ARG C 249 34.91 14.90 46.14
N LEU C 250 35.95 14.24 46.65
CA LEU C 250 36.85 13.51 45.76
C LEU C 250 36.12 12.34 45.14
N ILE C 251 36.48 12.02 43.89
CA ILE C 251 35.69 11.06 43.11
C ILE C 251 35.69 9.69 43.77
N ASP C 252 36.83 9.25 44.29
CA ASP C 252 36.89 7.93 44.90
C ASP C 252 36.15 7.90 46.23
N ASP C 253 36.22 8.98 47.00
CA ASP C 253 35.40 9.09 48.20
C ASP C 253 33.92 9.06 47.86
N MET C 254 33.55 9.62 46.70
CA MET C 254 32.14 9.77 46.37
C MET C 254 31.50 8.44 45.99
N VAL C 255 32.19 7.63 45.18
CA VAL C 255 31.62 6.35 44.78
C VAL C 255 31.46 5.43 45.99
N ALA C 256 32.36 5.52 46.97
CA ALA C 256 32.22 4.73 48.18
C ALA C 256 31.13 5.31 49.08
N GLN C 257 31.06 6.63 49.16
CA GLN C 257 29.98 7.27 49.92
C GLN C 257 28.61 6.90 49.34
N ALA C 258 28.48 6.94 48.02
CA ALA C 258 27.22 6.56 47.39
C ALA C 258 26.93 5.07 47.56
N MET C 259 27.98 4.24 47.60
CA MET C 259 27.78 2.80 47.73
C MET C 259 27.05 2.45 49.03
N LYS C 260 27.46 3.07 50.14
CA LYS C 260 26.85 2.80 51.43
C LYS C 260 25.80 3.84 51.81
N SER C 261 25.41 4.71 50.88
CA SER C 261 24.42 5.73 51.16
C SER C 261 23.02 5.13 51.14
N GLU C 262 22.01 5.98 51.35
CA GLU C 262 20.62 5.61 51.25
C GLU C 262 19.97 6.11 49.97
N GLY C 263 20.74 6.72 49.07
CA GLY C 263 20.18 7.39 47.93
C GLY C 263 19.64 8.76 48.29
N GLY C 264 18.91 9.34 47.35
CA GLY C 264 18.29 10.63 47.59
C GLY C 264 19.27 11.78 47.52
N PHE C 265 19.98 11.92 46.41
CA PHE C 265 20.88 13.04 46.21
C PHE C 265 21.17 13.19 44.73
N ILE C 266 21.66 14.37 44.36
CA ILE C 266 22.09 14.67 43.00
C ILE C 266 23.61 14.52 42.95
N TRP C 267 24.09 13.85 41.92
CA TRP C 267 25.51 13.55 41.77
C TRP C 267 25.99 14.22 40.49
N ALA C 268 26.65 15.37 40.63
CA ALA C 268 27.22 16.08 39.49
C ALA C 268 28.56 15.44 39.12
N CYS C 269 28.65 14.95 37.89
CA CYS C 269 29.84 14.24 37.42
C CYS C 269 30.43 14.94 36.21
N LYS C 270 31.76 14.92 36.12
CA LYS C 270 32.43 15.28 34.88
C LYS C 270 32.04 14.28 33.79
N ASN C 271 32.35 14.64 32.55
CA ASN C 271 31.89 13.87 31.39
C ASN C 271 32.25 12.40 31.52
N TYR C 272 33.52 12.10 31.80
CA TYR C 272 33.96 10.71 31.87
C TYR C 272 33.33 9.98 33.05
N ASP C 273 33.33 10.62 34.22
CA ASP C 273 32.77 9.97 35.41
C ASP C 273 31.28 9.73 35.26
N GLY C 274 30.57 10.66 34.61
CA GLY C 274 29.14 10.49 34.43
C GLY C 274 28.81 9.27 33.57
N ASP C 275 29.64 8.99 32.57
CA ASP C 275 29.45 7.79 31.77
C ASP C 275 29.65 6.54 32.62
N VAL C 276 30.77 6.49 33.36
CA VAL C 276 31.12 5.28 34.09
C VAL C 276 30.15 5.07 35.26
N GLN C 277 29.89 6.12 36.03
CA GLN C 277 29.16 5.96 37.28
C GLN C 277 27.65 5.84 37.09
N SER C 278 27.09 6.35 35.99
CA SER C 278 25.66 6.17 35.76
C SER C 278 25.32 4.71 35.48
N ASP C 279 26.25 3.96 34.87
CA ASP C 279 26.06 2.52 34.76
C ASP C 279 26.23 1.83 36.11
N PHE C 280 27.15 2.36 36.93
CA PHE C 280 27.27 1.87 38.31
C PHE C 280 25.97 2.05 39.07
N VAL C 281 25.31 3.20 38.91
CA VAL C 281 24.04 3.44 39.58
C VAL C 281 22.95 2.57 38.98
N ALA C 282 22.88 2.51 37.65
CA ALA C 282 21.82 1.76 36.99
C ALA C 282 21.85 0.28 37.37
N GLN C 283 23.05 -0.32 37.38
CA GLN C 283 23.15 -1.73 37.75
C GLN C 283 22.86 -1.93 39.23
N GLY C 284 23.19 -0.95 40.07
CA GLY C 284 22.93 -1.09 41.49
C GLY C 284 21.45 -1.14 41.81
N TYR C 285 20.63 -0.42 41.05
CA TYR C 285 19.19 -0.43 41.27
C TYR C 285 18.50 -1.64 40.65
N GLY C 286 19.20 -2.44 39.84
CA GLY C 286 18.61 -3.65 39.33
C GLY C 286 19.01 -4.04 37.92
N SER C 287 18.80 -3.14 36.95
CA SER C 287 19.00 -3.46 35.54
C SER C 287 19.61 -2.27 34.82
N LEU C 288 20.64 -2.53 34.02
CA LEU C 288 21.27 -1.46 33.23
C LEU C 288 20.26 -0.81 32.29
N GLY C 289 19.36 -1.61 31.71
CA GLY C 289 18.39 -1.11 30.76
C GLY C 289 17.21 -0.37 31.32
N MET C 290 17.19 -0.16 32.64
CA MET C 290 16.10 0.57 33.29
C MET C 290 16.63 1.91 33.78
N MET C 291 16.88 2.81 32.84
CA MET C 291 17.46 4.11 33.16
C MET C 291 17.06 5.13 32.11
N THR C 292 16.60 6.29 32.57
CA THR C 292 16.31 7.43 31.69
C THR C 292 17.57 8.26 31.49
N SER C 293 17.61 8.98 30.37
CA SER C 293 18.77 9.81 30.03
C SER C 293 18.27 10.98 29.20
N VAL C 294 18.33 12.18 29.76
CA VAL C 294 17.80 13.38 29.13
C VAL C 294 18.92 14.43 29.12
N LEU C 295 19.28 14.90 27.92
CA LEU C 295 20.22 16.00 27.78
C LEU C 295 19.46 17.32 27.93
N VAL C 296 19.84 18.13 28.90
CA VAL C 296 19.20 19.42 29.16
C VAL C 296 20.17 20.51 28.73
N CYS C 297 19.81 21.25 27.69
CA CYS C 297 20.66 22.30 27.16
C CYS C 297 20.60 23.55 28.04
N PRO C 298 21.63 24.39 27.99
CA PRO C 298 21.67 25.57 28.88
C PRO C 298 20.57 26.58 28.61
N ASP C 299 19.94 26.56 27.43
CA ASP C 299 18.91 27.55 27.13
C ASP C 299 17.61 27.30 27.90
N GLY C 300 17.48 26.18 28.59
CA GLY C 300 16.25 25.86 29.29
C GLY C 300 15.08 25.55 28.38
N LYS C 301 15.31 25.38 27.09
CA LYS C 301 14.26 25.15 26.11
C LYS C 301 14.45 23.87 25.31
N THR C 302 15.69 23.39 25.15
CA THR C 302 16.01 22.28 24.27
C THR C 302 16.44 21.08 25.08
N VAL C 303 15.80 19.93 24.83
CA VAL C 303 16.17 18.67 25.47
C VAL C 303 16.35 17.59 24.40
N GLU C 304 17.11 16.57 24.77
CA GLU C 304 17.32 15.40 23.91
C GLU C 304 17.26 14.16 24.78
N ALA C 305 16.16 13.41 24.69
CA ALA C 305 16.00 12.17 25.44
C ALA C 305 16.48 10.99 24.60
N GLU C 306 17.11 10.03 25.27
CA GLU C 306 17.72 8.91 24.57
C GLU C 306 17.65 7.66 25.43
N ALA C 307 17.98 6.53 24.83
N ALA C 307 17.98 6.53 24.83
CA ALA C 307 18.19 5.29 25.56
CA ALA C 307 18.19 5.29 25.56
C ALA C 307 19.68 5.16 25.88
C ALA C 307 19.68 5.16 25.88
N ALA C 308 19.99 5.10 27.18
CA ALA C 308 21.40 5.11 27.58
C ALA C 308 22.14 3.84 27.18
N HIS C 309 21.45 2.70 27.16
CA HIS C 309 22.11 1.43 26.88
C HIS C 309 22.48 1.35 25.39
N GLY C 310 23.09 0.22 25.02
CA GLY C 310 23.51 0.00 23.65
C GLY C 310 22.40 -0.53 22.78
N THR C 311 22.80 -1.15 21.68
CA THR C 311 21.87 -1.67 20.69
C THR C 311 21.49 -3.12 20.91
N VAL C 312 22.01 -3.74 21.98
CA VAL C 312 21.73 -5.14 22.33
C VAL C 312 22.07 -6.03 21.13
N THR C 313 23.35 -6.03 20.74
CA THR C 313 23.77 -6.79 19.56
C THR C 313 23.52 -8.28 19.72
N ARG C 314 23.65 -8.81 20.94
CA ARG C 314 23.48 -10.24 21.16
C ARG C 314 22.06 -10.69 20.80
N HIS C 315 21.05 -9.93 21.26
CA HIS C 315 19.68 -10.28 20.93
C HIS C 315 19.42 -10.14 19.43
N TYR C 316 20.07 -9.16 18.79
CA TYR C 316 19.87 -8.95 17.36
C TYR C 316 20.40 -10.13 16.54
N ARG C 317 21.48 -10.76 17.01
CA ARG C 317 22.00 -11.94 16.33
C ARG C 317 21.00 -13.09 16.39
N MET C 318 20.39 -13.30 17.55
CA MET C 318 19.33 -14.30 17.66
C MET C 318 18.16 -13.94 16.74
N TYR C 319 17.86 -12.65 16.62
CA TYR C 319 16.76 -12.22 15.78
C TYR C 319 17.04 -12.51 14.31
N GLN C 320 18.27 -12.27 13.86
CA GLN C 320 18.62 -12.54 12.47
C GLN C 320 18.61 -14.03 12.17
N LYS C 321 18.84 -14.87 13.18
CA LYS C 321 18.75 -16.32 13.03
C LYS C 321 17.35 -16.85 13.26
N GLY C 322 16.35 -15.96 13.32
CA GLY C 322 14.98 -16.39 13.52
C GLY C 322 14.64 -16.87 14.91
N GLN C 323 15.52 -16.63 15.89
CA GLN C 323 15.27 -17.09 17.24
C GLN C 323 14.35 -16.13 17.98
N GLU C 324 13.83 -16.60 19.12
CA GLU C 324 12.93 -15.78 19.93
C GLU C 324 13.74 -14.89 20.86
N THR C 325 13.40 -13.60 20.88
CA THR C 325 14.11 -12.60 21.67
C THR C 325 13.20 -12.02 22.73
N SER C 326 13.81 -11.48 23.79
CA SER C 326 13.10 -10.85 24.90
C SER C 326 13.91 -9.62 25.34
N THR C 327 13.80 -8.56 24.57
CA THR C 327 14.57 -7.33 24.79
C THR C 327 13.73 -6.32 25.56
N ASN C 328 14.34 -5.71 26.56
CA ASN C 328 13.65 -4.73 27.39
C ASN C 328 13.45 -3.42 26.61
N PRO C 329 12.22 -2.96 26.42
CA PRO C 329 11.99 -1.71 25.68
C PRO C 329 11.75 -0.48 26.55
N ILE C 330 11.86 -0.58 27.87
CA ILE C 330 11.42 0.50 28.76
C ILE C 330 12.24 1.76 28.52
N ALA C 331 13.57 1.63 28.48
CA ALA C 331 14.42 2.81 28.29
C ALA C 331 14.13 3.49 26.96
N SER C 332 13.88 2.73 25.90
CA SER C 332 13.51 3.32 24.63
C SER C 332 12.14 3.99 24.72
N ILE C 333 11.22 3.40 25.47
CA ILE C 333 9.90 4.00 25.66
C ILE C 333 10.01 5.31 26.42
N PHE C 334 10.77 5.31 27.52
CA PHE C 334 10.90 6.52 28.32
C PHE C 334 11.66 7.62 27.59
N ALA C 335 12.46 7.27 26.58
CA ALA C 335 13.02 8.31 25.72
C ALA C 335 11.92 9.08 25.00
N TRP C 336 10.86 8.39 24.59
CA TRP C 336 9.74 9.05 23.94
C TRP C 336 8.90 9.84 24.93
N THR C 337 8.61 9.26 26.09
CA THR C 337 7.73 9.94 27.05
C THR C 337 8.40 11.17 27.64
N ARG C 338 9.69 11.07 27.98
CA ARG C 338 10.40 12.23 28.52
C ARG C 338 10.49 13.35 27.48
N GLY C 339 10.67 12.99 26.21
CA GLY C 339 10.70 14.00 25.17
C GLY C 339 9.35 14.59 24.87
N LEU C 340 8.30 13.75 24.88
CA LEU C 340 6.94 14.25 24.66
C LEU C 340 6.48 15.11 25.83
N ALA C 341 6.89 14.76 27.06
CA ALA C 341 6.51 15.56 28.22
C ALA C 341 7.13 16.95 28.14
N HIS C 342 8.35 17.06 27.62
CA HIS C 342 8.96 18.38 27.44
C HIS C 342 8.31 19.14 26.30
N ARG C 343 7.97 18.45 25.21
CA ARG C 343 7.22 19.07 24.14
C ARG C 343 5.89 19.64 24.64
N ALA C 344 5.18 18.86 25.46
CA ALA C 344 3.93 19.34 26.04
C ALA C 344 4.16 20.53 26.98
N LYS C 345 5.30 20.55 27.70
CA LYS C 345 5.56 21.66 28.59
C LYS C 345 5.80 22.95 27.82
N LEU C 346 6.51 22.88 26.71
CA LEU C 346 6.78 24.08 25.92
C LEU C 346 5.52 24.62 25.25
N ASP C 347 4.55 23.75 24.98
CA ASP C 347 3.34 24.14 24.29
C ASP C 347 2.13 24.29 25.22
N ASN C 348 2.32 24.06 26.53
CA ASN C 348 1.21 24.02 27.48
C ASN C 348 0.13 23.04 27.02
N ASN C 349 0.58 21.93 26.45
CA ASN C 349 -0.32 20.89 25.94
C ASN C 349 -0.70 19.98 27.10
N LYS C 350 -1.92 20.14 27.60
CA LYS C 350 -2.36 19.33 28.73
C LYS C 350 -2.61 17.88 28.33
N GLU C 351 -3.18 17.66 27.14
CA GLU C 351 -3.48 16.30 26.70
C GLU C 351 -2.20 15.51 26.45
N LEU C 352 -1.19 16.14 25.85
CA LEU C 352 0.06 15.44 25.59
C LEU C 352 0.81 15.15 26.89
N ALA C 353 0.82 16.11 27.81
CA ALA C 353 1.46 15.89 29.10
C ALA C 353 0.81 14.74 29.86
N PHE C 354 -0.52 14.63 29.75
CA PHE C 354 -1.20 13.50 30.38
C PHE C 354 -0.81 12.18 29.72
N PHE C 355 -0.75 12.15 28.39
CA PHE C 355 -0.39 10.92 27.68
C PHE C 355 1.02 10.47 28.04
N ALA C 356 1.98 11.39 28.09
CA ALA C 356 3.37 11.03 28.35
C ALA C 356 3.51 10.34 29.71
N ASN C 357 2.94 10.94 30.76
CA ASN C 357 3.00 10.33 32.07
C ASN C 357 2.20 9.04 32.12
N ALA C 358 1.07 8.99 31.42
CA ALA C 358 0.23 7.79 31.42
C ALA C 358 0.97 6.59 30.85
N LEU C 359 1.75 6.80 29.78
CA LEU C 359 2.53 5.71 29.21
C LEU C 359 3.64 5.26 30.16
N GLU C 360 4.21 6.18 30.92
CA GLU C 360 5.20 5.80 31.93
C GLU C 360 4.55 4.99 33.04
N GLU C 361 3.34 5.40 33.47
CA GLU C 361 2.61 4.62 34.46
C GLU C 361 2.29 3.23 33.93
N VAL C 362 1.83 3.14 32.68
CA VAL C 362 1.49 1.85 32.08
C VAL C 362 2.71 0.94 32.06
N SER C 363 3.87 1.48 31.70
CA SER C 363 5.09 0.67 31.64
C SER C 363 5.45 0.10 33.00
N ILE C 364 5.40 0.93 34.04
CA ILE C 364 5.77 0.47 35.37
C ILE C 364 4.73 -0.48 35.92
N GLU C 365 3.44 -0.14 35.77
CA GLU C 365 2.37 -0.99 36.29
C GLU C 365 2.35 -2.34 35.60
N THR C 366 2.74 -2.41 34.32
CA THR C 366 2.77 -3.69 33.62
C THR C 366 3.83 -4.61 34.21
N ILE C 367 5.04 -4.09 34.45
CA ILE C 367 6.10 -4.90 35.04
C ILE C 367 5.74 -5.27 36.47
N GLU C 368 5.16 -4.35 37.23
CA GLU C 368 4.76 -4.64 38.60
C GLU C 368 3.61 -5.63 38.67
N ALA C 369 2.87 -5.82 37.57
CA ALA C 369 1.82 -6.82 37.53
C ALA C 369 2.35 -8.23 37.29
N GLY C 370 3.64 -8.38 37.01
CA GLY C 370 4.25 -9.69 36.77
C GLY C 370 4.61 -9.96 35.32
N PHE C 371 4.39 -9.01 34.42
CA PHE C 371 4.69 -9.19 33.00
C PHE C 371 5.92 -8.38 32.64
N MET C 372 6.98 -9.07 32.25
CA MET C 372 8.28 -8.43 32.05
C MET C 372 9.08 -9.24 31.05
N THR C 373 10.17 -8.63 30.57
CA THR C 373 11.08 -9.33 29.68
C THR C 373 12.00 -10.25 30.50
N LYS C 374 12.83 -11.01 29.78
CA LYS C 374 13.63 -12.05 30.43
C LYS C 374 14.65 -11.46 31.39
N ASP C 375 15.23 -10.31 31.04
CA ASP C 375 16.24 -9.70 31.91
C ASP C 375 15.68 -9.35 33.28
N LEU C 376 14.48 -8.76 33.31
CA LEU C 376 13.87 -8.40 34.58
C LEU C 376 13.41 -9.62 35.36
N ALA C 377 12.94 -10.66 34.66
CA ALA C 377 12.62 -11.92 35.33
C ALA C 377 13.86 -12.53 35.96
N ALA C 378 15.03 -12.35 35.33
CA ALA C 378 16.27 -12.84 35.91
C ALA C 378 16.64 -12.07 37.18
N CYS C 379 16.32 -10.78 37.24
CA CYS C 379 16.60 -10.01 38.46
C CYS C 379 15.83 -10.55 39.65
N ILE C 380 14.61 -11.07 39.42
CA ILE C 380 13.79 -11.54 40.52
C ILE C 380 14.21 -12.95 40.95
N LYS C 381 14.30 -13.87 40.00
CA LYS C 381 14.52 -15.28 40.29
C LYS C 381 15.97 -15.72 40.19
N GLY C 382 16.81 -14.96 39.51
CA GLY C 382 18.14 -15.45 39.19
C GLY C 382 18.15 -16.12 37.84
N LEU C 383 19.13 -15.78 36.99
CA LEU C 383 19.14 -16.27 35.63
C LEU C 383 19.10 -17.79 35.52
N PRO C 384 19.81 -18.59 36.34
CA PRO C 384 19.69 -20.05 36.20
C PRO C 384 18.31 -20.59 36.55
N ASN C 385 17.47 -19.83 37.26
CA ASN C 385 16.16 -20.29 37.67
C ASN C 385 15.03 -19.77 36.79
N VAL C 386 15.34 -19.02 35.74
CA VAL C 386 14.32 -18.46 34.87
C VAL C 386 13.80 -19.54 33.93
N GLN C 387 12.48 -19.59 33.80
CA GLN C 387 11.82 -20.47 32.85
C GLN C 387 11.01 -19.64 31.87
N ARG C 388 10.60 -20.27 30.76
CA ARG C 388 9.89 -19.55 29.72
C ARG C 388 8.59 -18.94 30.24
N SER C 389 8.00 -19.52 31.28
CA SER C 389 6.77 -18.99 31.85
C SER C 389 6.99 -17.76 32.72
N ASP C 390 8.25 -17.39 32.99
CA ASP C 390 8.55 -16.27 33.88
C ASP C 390 8.64 -14.93 33.16
N TYR C 391 8.57 -14.92 31.83
CA TYR C 391 8.74 -13.67 31.08
C TYR C 391 7.96 -13.76 29.77
N LEU C 392 7.96 -12.66 29.04
CA LEU C 392 7.36 -12.56 27.72
C LEU C 392 8.41 -12.17 26.70
N ASN C 393 8.21 -12.57 25.46
CA ASN C 393 9.14 -12.17 24.41
C ASN C 393 8.92 -10.71 24.04
N THR C 394 9.71 -10.21 23.10
CA THR C 394 9.67 -8.79 22.75
C THR C 394 8.30 -8.38 22.24
N PHE C 395 7.69 -9.21 21.39
CA PHE C 395 6.38 -8.86 20.83
C PHE C 395 5.27 -8.98 21.88
N GLU C 396 5.35 -9.99 22.74
CA GLU C 396 4.31 -10.18 23.75
C GLU C 396 4.31 -9.05 24.77
N PHE C 397 5.49 -8.58 25.17
CA PHE C 397 5.56 -7.51 26.16
C PHE C 397 5.06 -6.21 25.58
N MET C 398 5.33 -5.96 24.30
CA MET C 398 4.80 -4.75 23.65
C MET C 398 3.28 -4.82 23.53
N ASP C 399 2.73 -6.02 23.30
CA ASP C 399 1.29 -6.17 23.22
C ASP C 399 0.63 -5.88 24.57
N LYS C 400 1.21 -6.38 25.65
CA LYS C 400 0.66 -6.12 26.98
C LYS C 400 0.71 -4.64 27.30
N LEU C 401 1.79 -3.96 26.90
CA LEU C 401 1.87 -2.52 27.10
C LEU C 401 0.79 -1.79 26.31
N GLY C 402 0.62 -2.16 25.04
CA GLY C 402 -0.41 -1.54 24.23
C GLY C 402 -1.81 -1.78 24.77
N GLU C 403 -2.05 -2.98 25.30
CA GLU C 403 -3.34 -3.27 25.90
C GLU C 403 -3.57 -2.43 27.15
N ASN C 404 -2.59 -2.39 28.05
CA ASN C 404 -2.72 -1.59 29.26
C ASN C 404 -2.77 -0.10 28.95
N LEU C 405 -2.06 0.35 27.90
CA LEU C 405 -2.14 1.75 27.52
C LEU C 405 -3.52 2.11 27.00
N LYS C 406 -4.11 1.24 26.18
CA LYS C 406 -5.47 1.47 25.68
C LYS C 406 -6.47 1.55 26.81
N ILE C 407 -6.28 0.74 27.86
CA ILE C 407 -7.21 0.73 28.97
C ILE C 407 -7.09 2.01 29.80
N LYS C 408 -5.86 2.42 30.11
CA LYS C 408 -5.67 3.60 30.95
C LYS C 408 -6.17 4.87 30.25
N LEU C 409 -5.99 4.95 28.93
CA LEU C 409 -6.45 6.14 28.22
C LEU C 409 -7.97 6.17 28.08
N ALA C 410 -8.59 5.00 27.86
CA ALA C 410 -10.04 4.95 27.72
C ALA C 410 -10.74 5.26 29.04
N GLN C 411 -10.18 4.80 30.15
CA GLN C 411 -10.79 5.07 31.46
C GLN C 411 -10.62 6.53 31.86
N ALA C 412 -9.63 7.24 31.31
CA ALA C 412 -9.49 8.66 31.59
C ALA C 412 -10.48 9.49 30.79
N LYS C 413 -10.74 9.10 29.53
CA LYS C 413 -11.76 9.77 28.75
C LYS C 413 -13.15 9.54 29.32
N LEU C 414 -13.37 8.39 29.97
CA LEU C 414 -14.65 8.13 30.61
C LEU C 414 -14.85 9.03 31.83
N LEU C 415 -13.77 9.33 32.56
CA LEU C 415 -13.88 10.20 33.72
C LEU C 415 -14.14 11.65 33.32
N GLU C 416 -13.79 12.04 32.09
CA GLU C 416 -14.08 13.37 31.58
C GLU C 416 -15.53 13.53 31.13
N HIS C 417 -16.38 12.55 31.40
CA HIS C 417 -17.80 12.58 31.05
C HIS C 417 -18.01 12.77 29.55
#